data_2DW5
#
_entry.id   2DW5
#
_cell.length_a   146.259
_cell.length_b   60.516
_cell.length_c   114.911
_cell.angle_alpha   90.00
_cell.angle_beta   124.19
_cell.angle_gamma   90.00
#
_symmetry.space_group_name_H-M   'C 1 2 1'
#
loop_
_entity.id
_entity.type
_entity.pdbx_description
1 polymer 'Protein-arginine deiminase type-4'
2 non-polymer 'CALCIUM ION'
3 non-polymer 'SULFATE ION'
4 non-polymer N-[(1S)-1-(AMINOCARBONYL)-4-(ETHANIMIDOYLAMINO)BUTYL]BENZAMIDE
5 water water
#
_entity_poly.entity_id   1
_entity_poly.type   'polypeptide(L)'
_entity_poly.pdbx_seq_one_letter_code
;GPLGSPEFMAQGTLIRVTPEQPTHAVCVLGTLTQLDICSSAPEDCTSFSINASPGVVVDIAHSPPAKKKSTGSSTWPLDP
GVEVTLTMKAASGSTGDQKVQISYYGPKTPPVKALLYLTAVEISLCADITRTGKVKPTRAVKDQRTWTWGPCGQGAILLV
NCDRDNLESSAMDCEDDEVLDSEDLQDMSLMTLSTKTPKDFFTNHTLVLHVARSEMDKVRVFQATRGKLSSKCSVVLGPK
WPSHYLMVPGGKHNMDFYVEALAFPDTDFPGLITLTISLLDTSNLELPEAVVFQDSVVFRVAPWIMTPNTQPPQEVYACS
IFENEDFLKSVTTLAMKAKCKLTICPEEENMDDQWMQDEMEIGYIQAPHKTLPVVFDSPRNRGLKEFPIKRVMGPDFGYV
TRGPQTGGISGLDSFGNLEVSPPVTVRGKEYPLGRILFGDSCYPSNDSRQMHQALQDFLSAQQVQAPVKLYSDWLSVGHV
DEFLSFVPAPDRKGFRLLLASPRSCYKLFQEQQNEGHGEALLFEGIKKKKQQKIKNILSNKTLREHNSFVERCIDWNREL
LKRELGLAESDIIDIPQLFKLKEFSKAEAFFPNMVNMLVLGKHLGIPKPFGPVINGRCCLEEKVCSLLEPLGLQCTFIND
FFTYHIRHGEVHCGTNVRRKPFSFKWWNMVP
;
_entity_poly.pdbx_strand_id   A
#
loop_
_chem_comp.id
_chem_comp.type
_chem_comp.name
_chem_comp.formula
BFB non-polymer N-[(1S)-1-(AMINOCARBONYL)-4-(ETHANIMIDOYLAMINO)BUTYL]BENZAMIDE 'C14 H20 N4 O2'
CA non-polymer 'CALCIUM ION' 'Ca 2'
SO4 non-polymer 'SULFATE ION' 'O4 S -2'
#
# COMPACT_ATOMS: atom_id res chain seq x y z
N GLY A 12 -11.95 -16.66 29.25
CA GLY A 12 -12.89 -17.10 30.35
C GLY A 12 -12.72 -18.57 30.74
N THR A 13 -12.67 -18.87 32.04
CA THR A 13 -12.67 -20.27 32.54
C THR A 13 -13.47 -20.50 33.81
N LEU A 14 -14.22 -21.60 33.83
CA LEU A 14 -15.05 -21.95 34.97
C LEU A 14 -14.47 -23.23 35.54
N ILE A 15 -13.85 -23.14 36.72
CA ILE A 15 -13.35 -24.31 37.43
C ILE A 15 -14.50 -24.80 38.31
N ARG A 16 -14.79 -26.09 38.20
CA ARG A 16 -15.75 -26.78 39.03
C ARG A 16 -14.99 -27.35 40.18
N VAL A 17 -15.43 -27.03 41.38
CA VAL A 17 -14.83 -27.51 42.62
C VAL A 17 -15.71 -28.61 43.24
N THR A 18 -15.03 -29.62 43.79
CA THR A 18 -15.70 -30.81 44.35
C THR A 18 -15.10 -31.21 45.71
N PRO A 19 -15.91 -31.25 46.77
CA PRO A 19 -15.35 -31.77 48.04
C PRO A 19 -14.87 -33.22 47.93
N GLU A 20 -15.53 -34.05 47.13
CA GLU A 20 -15.07 -35.41 46.94
C GLU A 20 -13.56 -35.47 46.71
N GLN A 21 -13.08 -34.69 45.74
CA GLN A 21 -11.68 -34.76 45.32
C GLN A 21 -11.09 -33.36 45.02
N PRO A 22 -9.80 -33.11 45.38
CA PRO A 22 -9.17 -31.85 45.03
C PRO A 22 -9.14 -31.61 43.52
N THR A 23 -9.19 -30.35 43.10
CA THR A 23 -8.94 -30.05 41.71
C THR A 23 -7.62 -29.29 41.54
N HIS A 24 -7.02 -29.54 40.39
CA HIS A 24 -5.81 -28.90 39.95
C HIS A 24 -6.13 -28.10 38.69
N ALA A 25 -5.75 -26.83 38.67
CA ALA A 25 -5.97 -25.96 37.51
C ALA A 25 -4.75 -25.06 37.25
N VAL A 26 -4.51 -24.75 35.98
CA VAL A 26 -3.60 -23.70 35.57
C VAL A 26 -4.38 -22.40 35.34
N CYS A 27 -3.75 -21.29 35.69
CA CYS A 27 -4.29 -19.97 35.50
C CYS A 27 -3.30 -19.09 34.76
N VAL A 28 -3.67 -18.68 33.55
CA VAL A 28 -2.84 -17.72 32.81
C VAL A 28 -3.22 -16.34 33.30
N LEU A 29 -2.21 -15.57 33.70
CA LEU A 29 -2.35 -14.20 34.14
C LEU A 29 -2.90 -13.35 33.03
N GLY A 30 -3.86 -12.47 33.39
CA GLY A 30 -4.61 -11.62 32.45
C GLY A 30 -5.92 -12.26 32.02
N THR A 31 -6.25 -13.43 32.56
CA THR A 31 -7.42 -14.17 32.20
C THR A 31 -8.40 -14.12 33.35
N LEU A 32 -9.67 -14.32 33.04
CA LEU A 32 -10.77 -14.35 34.02
C LEU A 32 -10.98 -15.82 34.39
N THR A 33 -10.78 -16.11 35.66
CA THR A 33 -11.02 -17.42 36.20
C THR A 33 -12.19 -17.28 37.15
N GLN A 34 -13.21 -18.12 37.00
CA GLN A 34 -14.35 -18.11 37.90
C GLN A 34 -14.54 -19.51 38.50
N LEU A 35 -15.25 -19.57 39.61
CA LEU A 35 -15.49 -20.82 40.30
C LEU A 35 -16.95 -21.22 40.24
N ASP A 36 -17.16 -22.51 39.99
CA ASP A 36 -18.45 -23.14 40.23
C ASP A 36 -18.39 -23.88 41.58
N ILE A 37 -19.04 -23.29 42.56
CA ILE A 37 -19.02 -23.80 43.91
C ILE A 37 -20.27 -24.59 44.20
N CYS A 38 -21.31 -24.36 43.40
CA CYS A 38 -22.61 -24.96 43.71
C CYS A 38 -22.79 -26.36 43.14
N SER A 39 -22.48 -26.54 41.87
CA SER A 39 -22.75 -27.80 41.16
C SER A 39 -22.52 -29.03 42.02
N SER A 40 -21.32 -29.17 42.58
CA SER A 40 -20.98 -30.35 43.41
C SER A 40 -20.95 -30.07 44.93
N ALA A 41 -21.70 -29.08 45.38
CA ALA A 41 -21.80 -28.76 46.81
C ALA A 41 -22.56 -29.87 47.54
N PRO A 42 -22.23 -30.12 48.83
CA PRO A 42 -22.96 -31.16 49.57
C PRO A 42 -24.32 -30.70 50.11
N GLU A 43 -24.93 -31.54 50.95
CA GLU A 43 -26.07 -31.13 51.77
C GLU A 43 -26.09 -31.91 53.08
N THR A 46 -26.68 -24.35 50.99
CA THR A 46 -26.68 -23.86 52.37
C THR A 46 -25.73 -22.64 52.53
N SER A 47 -24.54 -22.81 53.11
CA SER A 47 -23.56 -21.72 53.17
C SER A 47 -22.16 -22.19 52.85
N PHE A 48 -21.36 -21.28 52.31
CA PHE A 48 -19.95 -21.54 52.06
C PHE A 48 -19.05 -20.37 52.41
N SER A 49 -17.78 -20.69 52.63
CA SER A 49 -16.74 -19.70 52.87
C SER A 49 -15.52 -20.02 52.02
N ILE A 50 -14.72 -18.99 51.80
CA ILE A 50 -13.63 -19.05 50.87
C ILE A 50 -12.34 -18.54 51.50
N ASN A 51 -11.40 -19.44 51.69
CA ASN A 51 -10.09 -19.10 52.18
C ASN A 51 -9.07 -19.48 51.11
N ALA A 52 -8.15 -18.56 50.83
CA ALA A 52 -7.15 -18.73 49.79
C ALA A 52 -5.82 -18.16 50.24
N SER A 53 -4.75 -18.72 49.68
CA SER A 53 -3.40 -18.27 49.91
C SER A 53 -3.18 -16.86 49.36
N PRO A 54 -2.19 -16.14 49.93
CA PRO A 54 -2.09 -14.71 49.67
C PRO A 54 -1.79 -14.31 48.23
N GLY A 55 -1.38 -15.26 47.39
CA GLY A 55 -1.18 -14.99 45.96
C GLY A 55 -2.47 -14.86 45.16
N VAL A 56 -3.58 -15.31 45.75
CA VAL A 56 -4.89 -15.37 45.07
C VAL A 56 -5.82 -14.29 45.60
N VAL A 57 -6.40 -13.49 44.71
CA VAL A 57 -7.44 -12.53 45.07
C VAL A 57 -8.80 -13.05 44.60
N VAL A 58 -9.64 -13.43 45.56
CA VAL A 58 -11.03 -13.79 45.27
C VAL A 58 -11.94 -12.56 45.39
N ASP A 59 -12.83 -12.40 44.42
CA ASP A 59 -13.86 -11.35 44.46
C ASP A 59 -15.21 -12.03 44.33
N ILE A 60 -16.17 -11.60 45.13
CA ILE A 60 -17.33 -12.42 45.44
C ILE A 60 -18.53 -11.57 45.83
N THR A 75 -19.58 -17.30 55.27
CA THR A 75 -20.14 -15.94 55.26
C THR A 75 -20.92 -15.62 53.97
N TRP A 76 -21.08 -16.61 53.10
CA TRP A 76 -21.84 -16.45 51.86
C TRP A 76 -22.81 -17.62 51.64
N PRO A 77 -23.97 -17.35 50.98
CA PRO A 77 -24.96 -18.40 50.80
C PRO A 77 -24.68 -19.21 49.54
N LEU A 78 -25.28 -20.39 49.45
CA LEU A 78 -25.00 -21.31 48.34
C LEU A 78 -25.97 -21.05 47.16
N ASP A 79 -25.98 -19.82 46.67
CA ASP A 79 -26.81 -19.42 45.54
C ASP A 79 -25.99 -19.48 44.25
N PRO A 80 -26.43 -20.31 43.27
CA PRO A 80 -25.71 -20.47 42.00
C PRO A 80 -25.39 -19.15 41.30
N GLY A 81 -26.34 -18.22 41.33
CA GLY A 81 -26.20 -16.96 40.60
C GLY A 81 -25.14 -16.00 41.13
N VAL A 82 -24.65 -16.23 42.34
CA VAL A 82 -23.59 -15.39 42.89
C VAL A 82 -22.20 -15.88 42.48
N GLU A 83 -21.43 -14.96 41.90
CA GLU A 83 -20.19 -15.26 41.19
C GLU A 83 -18.94 -15.09 42.06
N VAL A 84 -18.01 -16.03 41.88
CA VAL A 84 -16.74 -16.06 42.59
C VAL A 84 -15.64 -16.02 41.54
N THR A 85 -14.81 -14.98 41.58
CA THR A 85 -13.74 -14.79 40.59
C THR A 85 -12.38 -14.87 41.30
N LEU A 86 -11.38 -15.38 40.61
CA LEU A 86 -10.09 -15.69 41.19
C LEU A 86 -9.09 -15.05 40.26
N THR A 87 -8.20 -14.24 40.81
CA THR A 87 -7.18 -13.59 40.03
C THR A 87 -5.85 -13.76 40.77
N MET A 88 -4.81 -14.11 40.01
CA MET A 88 -3.45 -14.25 40.51
C MET A 88 -2.64 -13.01 40.17
N LYS A 89 -1.71 -12.63 41.03
CA LYS A 89 -0.89 -11.43 40.77
C LYS A 89 0.45 -11.79 40.15
N ALA A 90 0.98 -12.95 40.53
CA ALA A 90 2.30 -13.39 40.06
C ALA A 90 2.28 -14.84 39.55
N ALA A 91 3.10 -15.10 38.53
CA ALA A 91 3.49 -16.47 38.15
C ALA A 91 3.89 -17.33 39.35
N SER A 92 3.57 -18.63 39.25
CA SER A 92 3.92 -19.62 40.25
C SER A 92 5.39 -19.96 40.17
N GLY A 93 5.96 -20.36 41.32
CA GLY A 93 7.32 -20.89 41.39
C GLY A 93 7.30 -22.41 41.29
N SER A 94 6.18 -23.00 41.69
CA SER A 94 5.95 -24.43 41.46
C SER A 94 4.47 -24.76 41.29
N THR A 95 4.23 -25.91 40.69
CA THR A 95 2.91 -26.44 40.52
C THR A 95 2.08 -26.39 41.80
N GLY A 96 0.82 -25.98 41.66
CA GLY A 96 -0.09 -25.90 42.78
C GLY A 96 0.41 -25.09 43.97
N ASP A 97 1.35 -24.17 43.77
CA ASP A 97 1.90 -23.39 44.88
C ASP A 97 0.96 -22.28 45.38
N GLN A 98 -0.24 -22.17 44.81
CA GLN A 98 -1.31 -21.35 45.38
C GLN A 98 -2.49 -22.27 45.69
N LYS A 99 -3.25 -21.96 46.73
CA LYS A 99 -4.33 -22.85 47.21
C LYS A 99 -5.62 -22.08 47.38
N VAL A 100 -6.71 -22.76 47.07
CA VAL A 100 -8.03 -22.27 47.37
C VAL A 100 -8.73 -23.35 48.15
N GLN A 101 -9.37 -22.92 49.22
CA GLN A 101 -10.11 -23.82 50.07
C GLN A 101 -11.51 -23.26 50.25
N ILE A 102 -12.48 -24.07 49.88
CA ILE A 102 -13.87 -23.69 49.96
C ILE A 102 -14.50 -24.52 51.05
N SER A 103 -15.11 -23.80 52.00
CA SER A 103 -15.72 -24.42 53.17
C SER A 103 -17.23 -24.35 53.01
N TYR A 104 -17.87 -25.52 52.83
CA TYR A 104 -19.34 -25.61 52.86
C TYR A 104 -19.86 -25.92 54.27
N TYR A 105 -20.87 -25.19 54.72
CA TYR A 105 -21.43 -25.50 56.05
C TYR A 105 -22.92 -25.17 56.15
N GLY A 106 -23.55 -25.71 57.20
CA GLY A 106 -24.93 -25.42 57.53
C GLY A 106 -25.20 -25.47 59.03
N PRO A 107 -26.47 -25.23 59.42
CA PRO A 107 -26.94 -25.17 60.81
C PRO A 107 -26.37 -26.19 61.80
N LYS A 108 -26.23 -27.45 61.37
CA LYS A 108 -25.74 -28.49 62.30
C LYS A 108 -24.64 -29.36 61.67
N THR A 109 -24.02 -28.84 60.62
CA THR A 109 -23.07 -29.60 59.81
C THR A 109 -21.67 -29.04 60.02
N PRO A 110 -20.73 -29.89 60.51
CA PRO A 110 -19.32 -29.48 60.50
C PRO A 110 -18.82 -29.12 59.09
N PRO A 111 -18.03 -28.03 58.98
CA PRO A 111 -17.64 -27.49 57.67
C PRO A 111 -16.86 -28.51 56.84
N VAL A 112 -17.22 -28.59 55.55
CA VAL A 112 -16.60 -29.52 54.63
C VAL A 112 -15.80 -28.76 53.56
N LYS A 113 -14.57 -29.21 53.36
CA LYS A 113 -13.60 -28.52 52.53
C LYS A 113 -13.47 -29.11 51.12
N ALA A 114 -13.46 -28.22 50.13
CA ALA A 114 -13.03 -28.51 48.77
C ALA A 114 -11.69 -27.79 48.57
N LEU A 115 -10.74 -28.47 47.92
CA LEU A 115 -9.39 -27.94 47.69
C LEU A 115 -9.11 -27.68 46.21
N LEU A 116 -8.69 -26.45 45.88
CA LEU A 116 -8.21 -26.16 44.57
C LEU A 116 -6.72 -25.78 44.63
N TYR A 117 -5.89 -26.51 43.90
CA TYR A 117 -4.47 -26.17 43.77
C TYR A 117 -4.20 -25.45 42.42
N LEU A 118 -3.79 -24.20 42.49
CA LEU A 118 -3.59 -23.41 41.27
C LEU A 118 -2.11 -23.27 40.94
N THR A 119 -1.85 -23.17 39.64
CA THR A 119 -0.57 -22.87 39.10
C THR A 119 -0.77 -21.70 38.15
N ALA A 120 -0.16 -20.58 38.49
CA ALA A 120 -0.23 -19.37 37.70
C ALA A 120 0.95 -19.32 36.72
N VAL A 121 0.67 -18.94 35.47
CA VAL A 121 1.75 -18.75 34.49
C VAL A 121 1.53 -17.50 33.62
N GLU A 122 2.61 -17.02 33.04
CA GLU A 122 2.64 -15.87 32.17
C GLU A 122 2.87 -16.43 30.78
N ILE A 123 1.90 -16.24 29.88
CA ILE A 123 2.03 -16.57 28.47
C ILE A 123 1.64 -15.38 27.61
N SER A 124 2.57 -14.53 27.20
CA SER A 124 2.17 -13.43 26.29
C SER A 124 2.86 -13.37 24.92
N LEU A 125 2.02 -13.29 23.91
CA LEU A 125 2.42 -13.18 22.53
C LEU A 125 2.42 -11.68 22.23
N CYS A 126 3.58 -11.10 21.96
CA CYS A 126 3.69 -9.67 21.71
C CYS A 126 4.12 -9.31 20.31
N ALA A 127 3.61 -8.18 19.85
CA ALA A 127 3.96 -7.57 18.56
C ALA A 127 3.85 -6.05 18.74
N ASP A 128 4.24 -5.29 17.72
CA ASP A 128 4.14 -3.83 17.74
C ASP A 128 2.72 -3.37 17.39
N ILE A 129 1.79 -3.65 18.30
CA ILE A 129 0.35 -3.41 18.07
C ILE A 129 0.02 -1.90 18.08
N THR A 130 0.88 -1.13 18.74
CA THR A 130 0.76 0.32 18.76
C THR A 130 1.55 1.03 17.64
N ARG A 131 2.26 0.28 16.80
CA ARG A 131 2.88 0.84 15.57
C ARG A 131 3.89 1.93 15.84
N THR A 132 4.72 1.70 16.86
CA THR A 132 5.73 2.64 17.25
C THR A 132 7.14 2.14 16.96
N GLY A 133 7.28 0.95 16.40
CA GLY A 133 8.60 0.31 16.31
C GLY A 133 9.03 -0.40 17.60
N LYS A 134 8.16 -0.42 18.62
CA LYS A 134 8.48 -0.89 19.98
C LYS A 134 9.65 -0.15 20.67
N GLN A 144 -7.45 -5.01 22.67
CA GLN A 144 -8.49 -5.48 21.75
C GLN A 144 -8.01 -6.67 20.92
N ARG A 145 -8.94 -7.48 20.43
CA ARG A 145 -8.63 -8.72 19.72
C ARG A 145 -8.44 -8.55 18.17
N THR A 146 -8.66 -7.31 17.71
CA THR A 146 -8.88 -7.02 16.31
C THR A 146 -7.92 -5.91 15.82
N TRP A 147 -7.73 -5.83 14.51
CA TRP A 147 -6.91 -4.77 13.92
C TRP A 147 -7.82 -3.58 13.63
N THR A 148 -7.48 -2.40 14.14
CA THR A 148 -8.24 -1.23 13.83
C THR A 148 -7.44 -0.07 13.21
N TRP A 149 -8.05 0.56 12.20
CA TRP A 149 -7.46 1.73 11.47
C TRP A 149 -7.42 2.97 12.33
N GLY A 150 -6.50 3.87 12.05
CA GLY A 150 -6.56 5.26 12.56
C GLY A 150 -5.61 5.54 13.71
N PRO A 151 -5.44 6.83 14.09
CA PRO A 151 -4.45 7.24 15.09
C PRO A 151 -4.71 6.68 16.49
N CYS A 152 -5.97 6.35 16.80
CA CYS A 152 -6.29 5.67 18.05
C CYS A 152 -6.55 4.18 17.82
N GLY A 153 -6.08 3.63 16.71
CA GLY A 153 -6.29 2.22 16.41
C GLY A 153 -5.17 1.36 16.93
N GLN A 154 -5.30 0.06 16.76
CA GLN A 154 -4.34 -0.94 17.21
C GLN A 154 -4.19 -2.04 16.19
N GLY A 155 -3.02 -2.67 16.19
CA GLY A 155 -2.75 -3.74 15.24
C GLY A 155 -1.38 -3.57 14.61
N ALA A 156 -0.62 -4.65 14.58
CA ALA A 156 0.75 -4.64 14.04
C ALA A 156 0.72 -4.72 12.52
N ILE A 157 1.83 -4.29 11.90
CA ILE A 157 1.97 -4.24 10.46
C ILE A 157 3.06 -5.18 9.93
N LEU A 158 2.72 -5.80 8.82
CA LEU A 158 3.58 -6.73 8.15
C LEU A 158 3.81 -6.22 6.76
N LEU A 159 5.06 -6.28 6.31
CA LEU A 159 5.44 -5.94 4.96
C LEU A 159 5.50 -7.20 4.12
N VAL A 160 5.10 -7.11 2.85
CA VAL A 160 5.39 -8.23 1.93
C VAL A 160 6.87 -8.25 1.64
N ASN A 161 7.52 -9.42 1.71
CA ASN A 161 8.98 -9.45 1.57
C ASN A 161 9.44 -9.64 0.12
N CYS A 162 9.07 -8.65 -0.69
CA CYS A 162 9.08 -8.74 -2.13
C CYS A 162 10.25 -8.01 -2.75
N ASP A 163 11.24 -7.66 -1.92
CA ASP A 163 12.51 -7.14 -2.41
C ASP A 163 13.56 -8.27 -2.47
N ARG A 164 14.79 -7.90 -2.84
CA ARG A 164 15.86 -8.88 -3.10
C ARG A 164 17.18 -8.41 -2.49
N ASP A 165 17.35 -8.68 -1.19
CA ASP A 165 18.60 -8.42 -0.48
C ASP A 165 19.69 -9.45 -0.81
N ASN A 166 19.28 -10.63 -1.28
CA ASN A 166 20.21 -11.73 -1.55
C ASN A 166 21.10 -11.55 -2.80
N LEU A 167 22.40 -11.81 -2.64
CA LEU A 167 23.37 -11.79 -3.75
C LEU A 167 23.03 -12.74 -4.91
N GLU A 168 22.87 -12.20 -6.12
CA GLU A 168 22.80 -13.04 -7.35
C GLU A 168 21.67 -14.09 -7.36
N SER A 169 20.63 -13.90 -6.56
CA SER A 169 19.39 -14.65 -6.75
C SER A 169 18.56 -13.77 -7.66
N SER A 170 17.59 -14.36 -8.35
CA SER A 170 16.69 -13.60 -9.23
C SER A 170 15.32 -13.42 -8.57
N ALA A 171 15.11 -14.12 -7.45
CA ALA A 171 13.83 -14.21 -6.77
C ALA A 171 13.70 -13.15 -5.68
N MET A 172 12.47 -12.70 -5.43
CA MET A 172 12.16 -11.98 -4.18
C MET A 172 12.53 -12.86 -2.97
N ASP A 173 13.03 -12.25 -1.90
CA ASP A 173 13.49 -12.98 -0.72
C ASP A 173 12.44 -13.94 -0.12
N CYS A 174 11.14 -13.61 -0.26
CA CYS A 174 10.07 -14.43 0.34
C CYS A 174 9.61 -15.63 -0.49
N GLU A 175 10.33 -15.95 -1.56
CA GLU A 175 9.94 -17.11 -2.37
C GLU A 175 10.53 -18.43 -1.83
N ASP A 176 11.55 -18.36 -0.97
CA ASP A 176 12.10 -19.56 -0.32
C ASP A 176 11.69 -19.53 1.16
N ASP A 177 12.11 -20.56 1.90
CA ASP A 177 11.78 -20.66 3.34
C ASP A 177 13.01 -20.53 4.23
N GLU A 178 13.79 -19.47 3.97
CA GLU A 178 15.04 -19.21 4.68
C GLU A 178 15.37 -17.73 4.79
N VAL A 179 15.92 -17.32 5.93
CA VAL A 179 16.49 -15.98 6.05
C VAL A 179 17.94 -16.09 5.58
N LEU A 180 18.22 -15.64 4.36
CA LEU A 180 19.56 -15.86 3.74
C LEU A 180 20.57 -14.81 4.11
N ASP A 181 20.08 -13.60 4.42
CA ASP A 181 20.94 -12.53 4.88
C ASP A 181 20.39 -11.96 6.18
N SER A 182 21.28 -11.35 6.96
CA SER A 182 20.95 -10.71 8.22
C SER A 182 20.11 -9.47 7.99
N GLU A 183 20.41 -8.79 6.89
CA GLU A 183 19.69 -7.59 6.46
C GLU A 183 18.21 -7.85 6.12
N ASP A 184 17.93 -9.05 5.64
CA ASP A 184 16.59 -9.47 5.27
C ASP A 184 15.63 -9.34 6.45
N LEU A 185 16.15 -9.57 7.68
CA LEU A 185 15.31 -9.50 8.90
C LEU A 185 14.80 -8.10 9.21
N GLN A 186 15.41 -7.08 8.61
CA GLN A 186 14.95 -5.72 8.75
C GLN A 186 13.63 -5.51 8.06
N ASP A 187 13.33 -6.30 7.03
CA ASP A 187 12.03 -6.18 6.37
C ASP A 187 10.96 -6.90 7.15
N MET A 188 11.36 -7.77 8.08
CA MET A 188 10.42 -8.63 8.81
C MET A 188 9.93 -8.01 10.10
N SER A 189 8.78 -8.48 10.57
CA SER A 189 8.16 -7.97 11.78
C SER A 189 8.52 -8.86 12.97
N LEU A 190 8.88 -8.24 14.09
CA LEU A 190 9.25 -8.96 15.33
C LEU A 190 8.00 -9.33 16.12
N MET A 191 7.96 -10.57 16.60
CA MET A 191 6.90 -11.04 17.51
C MET A 191 7.57 -11.87 18.61
N THR A 192 7.25 -11.59 19.87
CA THR A 192 7.90 -12.28 21.00
C THR A 192 6.88 -13.07 21.84
N LEU A 193 7.27 -14.26 22.26
CA LEU A 193 6.54 -15.06 23.24
C LEU A 193 7.32 -14.91 24.55
N SER A 194 6.67 -14.33 25.54
CA SER A 194 7.18 -14.31 26.88
C SER A 194 6.39 -15.28 27.70
N THR A 195 7.13 -16.07 28.43
CA THR A 195 6.55 -17.02 29.34
C THR A 195 7.29 -16.92 30.66
N LYS A 196 6.53 -17.09 31.73
CA LYS A 196 7.09 -17.24 33.09
C LYS A 196 6.28 -18.35 33.72
N THR A 197 6.99 -19.44 34.02
CA THR A 197 6.35 -20.66 34.50
C THR A 197 7.30 -21.31 35.51
N PRO A 198 6.81 -22.31 36.26
CA PRO A 198 7.70 -23.19 37.00
C PRO A 198 8.67 -23.92 36.08
N LYS A 199 9.82 -24.29 36.65
CA LYS A 199 10.88 -24.96 35.93
C LYS A 199 10.42 -26.26 35.27
N ASP A 200 9.48 -26.96 35.91
CA ASP A 200 9.02 -28.24 35.39
C ASP A 200 7.74 -28.12 34.60
N PHE A 201 7.29 -26.91 34.29
CA PHE A 201 5.93 -26.72 33.77
C PHE A 201 5.67 -27.48 32.47
N PHE A 202 6.66 -27.48 31.57
CA PHE A 202 6.46 -28.02 30.23
C PHE A 202 6.77 -29.52 30.14
N THR A 203 6.90 -30.12 31.31
CA THR A 203 6.76 -31.55 31.50
C THR A 203 5.36 -32.04 31.16
N ASN A 204 4.36 -31.25 31.49
CA ASN A 204 2.94 -31.60 31.35
C ASN A 204 2.12 -30.61 30.52
N HIS A 205 2.80 -29.63 29.94
CA HIS A 205 2.17 -28.68 29.04
C HIS A 205 3.04 -28.47 27.81
N THR A 206 2.41 -28.13 26.69
CA THR A 206 3.11 -27.83 25.48
C THR A 206 2.45 -26.63 24.83
N LEU A 207 3.26 -25.83 24.17
CA LEU A 207 2.83 -24.69 23.47
C LEU A 207 2.93 -24.95 21.99
N VAL A 208 1.88 -24.58 21.26
CA VAL A 208 1.91 -24.63 19.81
C VAL A 208 1.62 -23.26 19.19
N LEU A 209 2.39 -22.93 18.17
CA LEU A 209 2.20 -21.72 17.40
C LEU A 209 1.44 -22.13 16.13
N HIS A 210 0.41 -21.39 15.77
CA HIS A 210 -0.30 -21.69 14.52
C HIS A 210 -0.91 -20.52 13.77
N VAL A 211 -1.25 -20.79 12.51
CA VAL A 211 -2.00 -19.93 11.59
C VAL A 211 -3.07 -20.73 10.86
N ALA A 212 -4.24 -20.14 10.59
CA ALA A 212 -5.28 -20.90 9.89
C ALA A 212 -4.69 -21.43 8.60
N ARG A 213 -5.17 -22.57 8.14
CA ARG A 213 -4.77 -23.05 6.85
C ARG A 213 -5.14 -22.08 5.74
N SER A 214 -6.29 -21.44 5.94
CA SER A 214 -6.73 -20.32 5.13
C SER A 214 -5.64 -19.27 4.81
N GLU A 215 -4.75 -19.02 5.76
CA GLU A 215 -3.84 -17.90 5.70
C GLU A 215 -2.38 -18.30 5.58
N MET A 216 -2.05 -19.57 5.82
CA MET A 216 -0.65 -20.07 5.77
C MET A 216 0.12 -19.79 4.48
N ASP A 217 -0.53 -19.71 3.32
CA ASP A 217 0.13 -19.40 2.02
C ASP A 217 0.55 -17.93 1.88
N LYS A 218 0.22 -17.10 2.89
CA LYS A 218 0.44 -15.68 2.77
C LYS A 218 1.40 -15.15 3.85
N VAL A 219 1.96 -16.05 4.65
CA VAL A 219 2.82 -15.63 5.75
C VAL A 219 3.90 -16.66 5.91
N ARG A 220 5.03 -16.21 6.45
CA ARG A 220 6.08 -17.14 6.88
C ARG A 220 6.67 -16.62 8.18
N VAL A 221 7.00 -17.55 9.09
CA VAL A 221 7.44 -17.19 10.44
C VAL A 221 8.68 -17.94 10.74
N PHE A 222 9.74 -17.22 11.13
CA PHE A 222 11.03 -17.82 11.50
C PHE A 222 11.26 -17.67 13.01
N GLN A 223 11.91 -18.68 13.62
CA GLN A 223 12.27 -18.64 15.03
C GLN A 223 13.72 -18.20 15.13
N ALA A 224 14.00 -17.29 16.07
CA ALA A 224 15.35 -16.74 16.31
C ALA A 224 16.03 -17.27 17.59
N THR A 225 17.38 -17.22 17.59
CA THR A 225 18.26 -17.72 18.68
C THR A 225 19.50 -16.86 18.84
N CYS A 233 18.10 -19.77 13.01
CA CYS A 233 17.05 -18.96 12.42
C CYS A 233 16.29 -19.70 11.31
N SER A 234 15.23 -20.44 11.68
CA SER A 234 14.54 -21.29 10.69
C SER A 234 13.03 -21.32 10.89
N VAL A 235 12.35 -21.76 9.84
CA VAL A 235 10.91 -21.62 9.69
C VAL A 235 10.16 -22.48 10.69
N VAL A 236 9.18 -21.86 11.34
CA VAL A 236 8.26 -22.56 12.16
C VAL A 236 6.87 -22.62 11.50
N LEU A 237 6.46 -21.54 10.82
CA LEU A 237 5.18 -21.52 10.11
C LEU A 237 5.28 -20.96 8.72
N GLY A 238 4.36 -21.39 7.86
CA GLY A 238 4.38 -20.95 6.48
C GLY A 238 3.53 -21.83 5.59
N PRO A 239 3.61 -21.62 4.26
CA PRO A 239 2.87 -22.37 3.25
C PRO A 239 2.84 -23.88 3.45
N LYS A 240 3.94 -24.51 3.79
CA LYS A 240 3.87 -25.95 4.05
C LYS A 240 3.29 -26.35 5.43
N TRP A 241 3.49 -25.50 6.45
CA TRP A 241 3.18 -25.83 7.84
C TRP A 241 2.34 -24.79 8.54
N PRO A 242 1.10 -25.12 8.91
CA PRO A 242 0.21 -24.19 9.70
C PRO A 242 0.35 -24.19 11.21
N SER A 243 1.08 -25.15 11.76
CA SER A 243 1.36 -25.21 13.20
C SER A 243 2.73 -25.84 13.52
N HIS A 244 3.21 -25.57 14.74
CA HIS A 244 4.54 -25.99 15.18
C HIS A 244 4.61 -25.98 16.69
N TYR A 245 5.16 -27.07 17.24
CA TYR A 245 5.28 -27.23 18.68
C TYR A 245 6.50 -26.50 19.10
N LEU A 246 6.39 -25.59 20.05
CA LEU A 246 7.53 -24.85 20.54
C LEU A 246 8.22 -25.65 21.64
N MET A 247 9.55 -25.50 21.68
CA MET A 247 10.39 -26.07 22.69
C MET A 247 10.73 -24.89 23.57
N VAL A 248 10.14 -24.89 24.76
CA VAL A 248 10.26 -23.79 25.69
C VAL A 248 10.64 -24.39 27.03
N PRO A 249 11.66 -23.82 27.69
CA PRO A 249 12.01 -24.28 29.02
C PRO A 249 11.19 -23.54 30.09
N GLY A 250 10.99 -24.20 31.23
CA GLY A 250 10.27 -23.58 32.33
C GLY A 250 11.05 -22.39 32.81
N GLY A 251 10.47 -21.61 33.72
CA GLY A 251 11.13 -20.42 34.28
C GLY A 251 10.68 -19.21 33.52
N LYS A 252 11.57 -18.25 33.34
CA LYS A 252 11.30 -17.13 32.46
C LYS A 252 12.05 -17.37 31.16
N HIS A 253 11.33 -17.21 30.05
CA HIS A 253 11.93 -17.35 28.73
C HIS A 253 11.28 -16.38 27.73
N ASN A 254 12.08 -15.98 26.75
CA ASN A 254 11.65 -15.05 25.73
C ASN A 254 12.15 -15.58 24.40
N MET A 255 11.21 -15.78 23.50
CA MET A 255 11.47 -16.38 22.23
C MET A 255 10.96 -15.46 21.11
N ASP A 256 11.89 -15.12 20.22
CA ASP A 256 11.70 -14.15 19.16
C ASP A 256 11.42 -14.85 17.85
N PHE A 257 10.44 -14.30 17.15
CA PHE A 257 10.04 -14.74 15.84
C PHE A 257 10.11 -13.60 14.85
N TYR A 258 10.40 -13.92 13.60
CA TYR A 258 10.40 -12.94 12.53
C TYR A 258 9.41 -13.38 11.51
N VAL A 259 8.61 -12.42 11.07
CA VAL A 259 7.43 -12.68 10.27
C VAL A 259 7.53 -11.82 9.03
N GLU A 260 7.19 -12.43 7.89
CA GLU A 260 7.17 -11.75 6.58
C GLU A 260 5.88 -12.12 5.94
N ALA A 261 5.30 -11.20 5.15
CA ALA A 261 4.13 -11.54 4.34
C ALA A 261 4.61 -11.97 2.97
N LEU A 262 3.79 -12.83 2.34
CA LEU A 262 4.00 -13.32 1.01
C LEU A 262 2.99 -12.82 0.01
N ALA A 263 1.99 -12.08 0.44
CA ALA A 263 0.99 -11.65 -0.52
C ALA A 263 0.53 -10.26 -0.18
N PHE A 264 0.31 -9.48 -1.22
CA PHE A 264 -0.32 -8.21 -1.04
C PHE A 264 -1.82 -8.41 -0.83
N PRO A 265 -2.46 -7.45 -0.16
CA PRO A 265 -3.91 -7.49 -0.05
C PRO A 265 -4.43 -7.52 -1.50
N ASP A 266 -5.49 -8.27 -1.77
CA ASP A 266 -6.08 -8.43 -3.13
C ASP A 266 -7.54 -8.84 -2.99
N THR A 267 -8.24 -9.03 -4.12
CA THR A 267 -9.65 -9.43 -4.12
C THR A 267 -10.02 -10.56 -3.17
N ASP A 268 -9.12 -11.53 -3.04
CA ASP A 268 -9.36 -12.73 -2.23
C ASP A 268 -8.59 -12.74 -0.91
N PHE A 269 -7.93 -11.62 -0.62
CA PHE A 269 -7.16 -11.44 0.59
C PHE A 269 -7.35 -10.05 1.14
N PRO A 270 -8.22 -9.88 2.14
CA PRO A 270 -8.41 -8.57 2.73
C PRO A 270 -7.17 -7.95 3.37
N GLY A 271 -6.20 -8.74 3.78
CA GLY A 271 -4.91 -8.23 4.21
C GLY A 271 -4.55 -8.41 5.66
N LEU A 272 -5.28 -9.29 6.34
CA LEU A 272 -5.03 -9.61 7.74
C LEU A 272 -4.51 -11.05 7.92
N ILE A 273 -3.57 -11.19 8.82
CA ILE A 273 -3.02 -12.47 9.17
C ILE A 273 -3.01 -12.59 10.68
N THR A 274 -3.64 -13.64 11.21
CA THR A 274 -3.70 -13.88 12.64
C THR A 274 -2.78 -15.04 12.96
N LEU A 275 -1.92 -14.84 13.94
CA LEU A 275 -1.06 -15.93 14.45
C LEU A 275 -1.42 -16.14 15.92
N THR A 276 -1.56 -17.39 16.29
CA THR A 276 -2.11 -17.75 17.60
C THR A 276 -1.15 -18.72 18.31
N ILE A 277 -1.06 -18.56 19.63
CA ILE A 277 -0.31 -19.47 20.53
C ILE A 277 -1.37 -20.21 21.35
N SER A 278 -1.25 -21.53 21.42
CA SER A 278 -2.15 -22.35 22.25
C SER A 278 -1.34 -23.10 23.29
N LEU A 279 -1.86 -23.14 24.51
CA LEU A 279 -1.25 -23.84 25.63
C LEU A 279 -2.05 -25.10 25.80
N LEU A 280 -1.33 -26.22 25.67
CA LEU A 280 -1.92 -27.53 25.74
C LEU A 280 -1.51 -28.27 27.02
N ASP A 281 -2.46 -29.01 27.55
CA ASP A 281 -2.27 -29.89 28.70
C ASP A 281 -2.01 -31.25 28.12
N THR A 282 -0.81 -31.75 28.39
CA THR A 282 -0.38 -33.02 27.90
C THR A 282 -0.05 -33.90 29.10
N SER A 283 -0.83 -33.73 30.15
CA SER A 283 -0.64 -34.46 31.40
C SER A 283 -1.01 -35.92 31.38
N ASN A 284 -1.98 -36.27 30.54
CA ASN A 284 -2.49 -37.63 30.54
C ASN A 284 -1.96 -38.32 29.28
N LEU A 285 -1.26 -39.43 29.50
CA LEU A 285 -0.46 -40.07 28.46
C LEU A 285 -1.33 -40.83 27.48
N GLU A 286 -2.47 -41.25 27.98
CA GLU A 286 -3.48 -41.91 27.16
C GLU A 286 -4.28 -40.87 26.35
N LEU A 287 -4.88 -39.90 27.06
CA LEU A 287 -5.82 -38.92 26.47
C LEU A 287 -5.19 -37.88 25.53
N PRO A 288 -5.99 -37.36 24.57
CA PRO A 288 -5.53 -36.27 23.69
C PRO A 288 -5.15 -35.00 24.43
N GLU A 289 -4.27 -34.23 23.83
CA GLU A 289 -4.02 -32.85 24.19
C GLU A 289 -5.30 -32.06 24.45
N ALA A 290 -5.22 -31.11 25.38
CA ALA A 290 -6.40 -30.31 25.79
C ALA A 290 -5.99 -28.85 25.85
N VAL A 291 -6.66 -28.02 25.06
CA VAL A 291 -6.32 -26.61 25.01
C VAL A 291 -6.77 -25.97 26.30
N VAL A 292 -5.87 -25.19 26.87
CA VAL A 292 -6.04 -24.55 28.15
C VAL A 292 -6.20 -23.03 27.97
N PHE A 293 -5.55 -22.47 26.95
CA PHE A 293 -5.46 -21.03 26.76
C PHE A 293 -5.02 -20.82 25.31
N GLN A 294 -5.63 -19.84 24.66
CA GLN A 294 -5.25 -19.35 23.36
C GLN A 294 -5.14 -17.87 23.38
N ASP A 295 -4.11 -17.36 22.72
CA ASP A 295 -3.92 -15.94 22.48
C ASP A 295 -3.38 -15.73 21.06
N SER A 296 -3.65 -14.54 20.52
CA SER A 296 -3.36 -14.23 19.13
C SER A 296 -2.79 -12.85 18.94
N VAL A 297 -2.07 -12.63 17.84
CA VAL A 297 -1.83 -11.29 17.35
C VAL A 297 -2.35 -11.23 15.91
N VAL A 298 -2.89 -10.09 15.51
CA VAL A 298 -3.47 -9.90 14.15
C VAL A 298 -2.60 -8.86 13.44
N PHE A 299 -2.02 -9.28 12.30
CA PHE A 299 -1.20 -8.43 11.51
C PHE A 299 -2.00 -7.93 10.33
N ARG A 300 -1.68 -6.71 9.90
CA ARG A 300 -2.22 -6.25 8.65
C ARG A 300 -1.11 -6.09 7.68
N VAL A 301 -1.28 -6.68 6.49
CA VAL A 301 -0.31 -6.51 5.44
C VAL A 301 -0.33 -5.08 4.86
N ALA A 302 0.86 -4.45 4.83
CA ALA A 302 1.07 -3.14 4.15
C ALA A 302 0.60 -3.11 2.70
N PRO A 303 -0.22 -2.11 2.35
CA PRO A 303 -0.62 -1.94 0.96
C PRO A 303 0.45 -1.31 0.15
N TRP A 304 0.43 -1.54 -1.16
CA TRP A 304 1.34 -0.86 -2.11
C TRP A 304 0.80 0.52 -2.38
N ILE A 305 1.66 1.55 -2.30
CA ILE A 305 1.21 2.96 -2.35
C ILE A 305 1.92 3.77 -3.43
N MET A 306 1.17 4.58 -4.20
CA MET A 306 1.79 5.41 -5.22
C MET A 306 2.11 6.78 -4.65
N THR A 307 2.97 7.48 -5.37
CA THR A 307 3.41 8.86 -5.00
C THR A 307 3.09 9.87 -6.13
N PRO A 308 2.28 10.91 -5.83
CA PRO A 308 1.93 11.91 -6.81
C PRO A 308 3.12 12.79 -7.20
N ASN A 309 2.95 13.57 -8.26
CA ASN A 309 3.98 14.45 -8.80
C ASN A 309 4.37 15.54 -7.83
N THR A 310 3.56 15.72 -6.78
CA THR A 310 3.81 16.75 -5.76
C THR A 310 4.69 16.24 -4.64
N GLN A 311 5.02 14.94 -4.67
CA GLN A 311 6.05 14.43 -3.78
C GLN A 311 7.42 14.67 -4.39
N PRO A 312 8.40 15.11 -3.56
CA PRO A 312 9.77 15.43 -4.02
C PRO A 312 10.40 14.24 -4.73
N PRO A 313 10.98 14.49 -5.89
CA PRO A 313 11.59 13.43 -6.68
C PRO A 313 12.93 13.00 -6.11
N GLN A 314 13.29 11.73 -6.31
CA GLN A 314 14.56 11.16 -5.86
C GLN A 314 15.38 10.52 -6.95
N GLU A 315 14.74 10.02 -8.00
CA GLU A 315 15.45 9.29 -9.03
C GLU A 315 14.65 9.29 -10.32
N VAL A 316 15.32 9.62 -11.43
CA VAL A 316 14.66 9.69 -12.74
C VAL A 316 15.14 8.56 -13.67
N TYR A 317 14.22 8.06 -14.50
CA TYR A 317 14.49 6.98 -15.44
C TYR A 317 14.13 7.36 -16.88
N ALA A 318 14.96 6.91 -17.82
CA ALA A 318 14.64 6.97 -19.25
C ALA A 318 15.49 5.92 -20.04
N CYS A 319 15.34 5.97 -21.36
CA CYS A 319 15.95 5.02 -22.27
C CYS A 319 16.88 5.75 -23.24
N SER A 320 17.99 5.07 -23.58
CA SER A 320 18.85 5.49 -24.68
C SER A 320 18.59 4.55 -25.85
N GLU A 323 18.04 7.82 -32.25
CA GLU A 323 18.50 8.15 -30.91
C GLU A 323 18.13 9.57 -30.44
N ASN A 324 18.20 9.70 -29.12
CA ASN A 324 17.56 10.77 -28.36
C ASN A 324 18.57 11.50 -27.47
N GLU A 325 19.78 11.66 -28.00
CA GLU A 325 20.92 12.12 -27.21
C GLU A 325 20.63 13.46 -26.56
N ASP A 326 20.00 14.36 -27.31
CA ASP A 326 19.71 15.71 -26.84
C ASP A 326 18.47 15.69 -25.95
N PHE A 327 17.54 14.78 -26.23
CA PHE A 327 16.45 14.52 -25.28
C PHE A 327 17.07 14.12 -23.94
N LEU A 328 17.99 13.15 -23.97
CA LEU A 328 18.66 12.70 -22.73
C LEU A 328 19.48 13.80 -22.06
N LYS A 329 20.10 14.67 -22.85
CA LYS A 329 20.82 15.82 -22.29
C LYS A 329 19.88 16.63 -21.41
N SER A 330 18.75 17.02 -21.99
CA SER A 330 17.81 17.90 -21.30
C SER A 330 17.29 17.30 -20.01
N VAL A 331 16.84 16.04 -20.01
CA VAL A 331 16.41 15.44 -18.73
C VAL A 331 17.60 15.29 -17.78
N THR A 332 18.80 15.07 -18.33
CA THR A 332 20.00 14.92 -17.50
C THR A 332 20.21 16.19 -16.70
N THR A 333 20.06 17.35 -17.34
CA THR A 333 20.25 18.62 -16.62
C THR A 333 19.10 18.91 -15.64
N LEU A 334 17.90 18.54 -16.06
CA LEU A 334 16.72 18.68 -15.22
C LEU A 334 16.84 17.83 -13.92
N ALA A 335 17.26 16.58 -14.06
CA ALA A 335 17.56 15.73 -12.90
C ALA A 335 18.59 16.39 -11.99
N MET A 336 19.67 16.90 -12.60
CA MET A 336 20.74 17.60 -11.86
C MET A 336 20.14 18.77 -11.06
N LYS A 337 19.37 19.62 -11.73
CA LYS A 337 18.73 20.74 -11.04
C LYS A 337 17.85 20.30 -9.87
N ALA A 338 17.19 19.14 -10.02
CA ALA A 338 16.29 18.61 -8.99
C ALA A 338 16.94 17.62 -8.00
N LYS A 339 18.26 17.49 -8.10
CA LYS A 339 19.05 16.68 -7.15
C LYS A 339 18.70 15.20 -7.21
N CYS A 340 18.40 14.70 -8.40
CA CYS A 340 17.92 13.35 -8.50
C CYS A 340 19.01 12.47 -9.03
N LYS A 341 19.09 11.26 -8.49
CA LYS A 341 19.83 10.20 -9.14
C LYS A 341 19.21 10.00 -10.52
N LEU A 342 20.02 9.55 -11.47
CA LEU A 342 19.56 9.30 -12.83
C LEU A 342 19.96 7.90 -13.27
N THR A 343 18.98 7.09 -13.70
CA THR A 343 19.27 5.79 -14.32
C THR A 343 18.65 5.67 -15.74
N ILE A 344 19.44 5.06 -16.64
CA ILE A 344 19.12 4.99 -18.05
C ILE A 344 19.18 3.56 -18.53
N CYS A 345 18.21 3.21 -19.38
CA CYS A 345 18.14 1.88 -19.96
C CYS A 345 18.65 1.90 -21.42
N PRO A 346 19.69 1.10 -21.72
CA PRO A 346 20.30 1.15 -23.04
C PRO A 346 19.60 0.28 -24.10
N GLU A 347 19.89 0.59 -25.37
CA GLU A 347 19.30 -0.09 -26.53
C GLU A 347 19.24 -1.62 -26.38
N GLU A 348 20.32 -2.22 -25.87
CA GLU A 348 20.45 -3.68 -25.66
C GLU A 348 19.32 -4.21 -24.80
N GLU A 349 19.11 -3.51 -23.68
CA GLU A 349 18.11 -3.91 -22.71
C GLU A 349 16.73 -3.45 -23.17
N ASN A 350 16.64 -2.22 -23.69
CA ASN A 350 15.36 -1.62 -24.20
C ASN A 350 14.62 -2.51 -25.18
N MET A 351 15.39 -3.16 -26.07
CA MET A 351 14.87 -3.91 -27.21
C MET A 351 14.05 -2.96 -28.09
N ASP A 352 14.49 -1.69 -28.16
CA ASP A 352 13.83 -0.62 -28.91
C ASP A 352 12.69 0.12 -28.19
N ASP A 353 12.45 -0.26 -26.93
CA ASP A 353 11.36 0.29 -26.11
C ASP A 353 11.76 1.61 -25.42
N GLN A 354 11.24 2.73 -25.92
CA GLN A 354 11.55 4.05 -25.34
C GLN A 354 10.54 4.53 -24.27
N TRP A 355 9.44 3.78 -24.06
CA TRP A 355 8.32 4.27 -23.22
C TRP A 355 8.45 3.86 -21.76
N MET A 356 9.47 4.43 -21.11
CA MET A 356 9.87 4.11 -19.72
C MET A 356 8.75 4.47 -18.68
N GLN A 357 7.81 5.31 -19.07
CA GLN A 357 6.60 5.54 -18.28
C GLN A 357 5.69 4.31 -18.13
N ASP A 358 5.74 3.42 -19.10
CA ASP A 358 4.62 2.53 -19.35
C ASP A 358 4.73 1.09 -18.79
N GLU A 359 5.94 0.52 -18.62
CA GLU A 359 6.04 -0.83 -18.06
C GLU A 359 5.96 -0.84 -16.56
N MET A 360 6.20 0.30 -15.92
CA MET A 360 6.33 0.26 -14.47
C MET A 360 5.85 1.52 -13.75
N GLU A 361 5.54 1.33 -12.47
CA GLU A 361 5.16 2.42 -11.56
C GLU A 361 5.86 2.19 -10.22
N ILE A 362 6.56 3.23 -9.73
CA ILE A 362 7.37 3.06 -8.52
C ILE A 362 6.57 3.63 -7.39
N GLY A 363 6.10 2.73 -6.53
CA GLY A 363 5.46 3.09 -5.28
C GLY A 363 6.31 2.70 -4.12
N TYR A 364 5.67 2.47 -2.99
CA TYR A 364 6.39 2.05 -1.79
C TYR A 364 5.44 1.32 -0.81
N ILE A 365 6.03 0.56 0.09
CA ILE A 365 5.37 -0.06 1.21
C ILE A 365 6.04 0.46 2.49
N GLN A 366 5.29 0.51 3.57
CA GLN A 366 5.67 1.28 4.74
C GLN A 366 5.19 0.60 6.01
N ALA A 367 6.12 0.35 6.92
CA ALA A 367 5.77 -0.21 8.22
C ALA A 367 6.58 0.61 9.22
N PRO A 368 6.20 0.59 10.52
CA PRO A 368 6.89 1.46 11.48
C PRO A 368 8.41 1.22 11.53
N HIS A 369 8.78 -0.04 11.27
CA HIS A 369 10.18 -0.46 11.30
C HIS A 369 10.92 -0.33 9.97
N LYS A 370 10.20 -0.08 8.88
CA LYS A 370 10.80 -0.20 7.53
C LYS A 370 9.87 0.33 6.42
N THR A 371 10.40 1.18 5.57
CA THR A 371 9.71 1.69 4.41
C THR A 371 10.60 1.34 3.23
N LEU A 372 10.06 0.78 2.15
CA LEU A 372 10.88 0.61 0.95
C LEU A 372 10.15 0.86 -0.34
N PRO A 373 10.88 1.27 -1.37
CA PRO A 373 10.26 1.44 -2.65
C PRO A 373 9.98 0.07 -3.25
N VAL A 374 8.88 0.01 -3.99
CA VAL A 374 8.40 -1.20 -4.63
C VAL A 374 7.87 -0.84 -6.02
N VAL A 375 8.35 -1.59 -7.00
CA VAL A 375 7.98 -1.40 -8.41
C VAL A 375 6.79 -2.23 -8.79
N PHE A 376 5.75 -1.57 -9.23
CA PHE A 376 4.65 -2.29 -9.80
C PHE A 376 4.94 -2.43 -11.29
N ASP A 377 5.20 -3.65 -11.69
CA ASP A 377 5.56 -3.96 -13.04
C ASP A 377 4.32 -4.30 -13.85
N SER A 378 4.06 -3.52 -14.90
CA SER A 378 2.86 -3.67 -15.72
C SER A 378 2.99 -4.88 -16.65
N PRO A 379 1.89 -5.60 -16.88
CA PRO A 379 1.88 -6.74 -17.80
C PRO A 379 2.09 -6.42 -19.29
N ARG A 380 2.14 -5.14 -19.69
CA ARG A 380 2.29 -4.84 -21.11
C ARG A 380 3.48 -5.55 -21.75
N ASN A 381 4.52 -5.84 -20.95
CA ASN A 381 5.60 -6.74 -21.37
C ASN A 381 6.10 -6.49 -22.81
N ARG A 382 6.44 -5.24 -23.04
CA ARG A 382 7.05 -4.79 -24.27
C ARG A 382 8.58 -4.96 -24.13
N GLY A 383 9.39 -4.22 -24.89
CA GLY A 383 10.86 -4.38 -24.84
C GLY A 383 11.49 -4.11 -23.46
N LEU A 384 10.83 -3.26 -22.66
CA LEU A 384 11.25 -3.00 -21.28
C LEU A 384 10.83 -4.09 -20.31
N LYS A 385 10.30 -5.22 -20.79
CA LYS A 385 9.76 -6.27 -19.91
C LYS A 385 10.68 -6.64 -18.74
N GLU A 386 11.99 -6.63 -18.97
CA GLU A 386 12.96 -7.13 -17.99
C GLU A 386 13.44 -6.07 -17.00
N PHE A 387 13.35 -4.80 -17.39
CA PHE A 387 13.93 -3.68 -16.61
C PHE A 387 13.51 -3.62 -15.15
N PRO A 388 12.20 -3.81 -14.88
CA PRO A 388 11.77 -3.86 -13.48
C PRO A 388 12.34 -5.08 -12.76
N ILE A 389 12.43 -6.20 -13.47
CA ILE A 389 12.94 -7.44 -12.89
C ILE A 389 14.45 -7.40 -12.68
N LYS A 390 15.20 -7.06 -13.73
CA LYS A 390 16.65 -7.15 -13.70
C LYS A 390 17.37 -6.09 -12.85
N ARG A 391 17.09 -4.79 -13.03
CA ARG A 391 17.82 -3.83 -12.18
C ARG A 391 17.04 -2.65 -11.63
N VAL A 392 15.74 -2.83 -11.47
CA VAL A 392 14.97 -2.00 -10.53
C VAL A 392 14.70 -2.82 -9.25
N MET A 393 14.24 -4.07 -9.41
CA MET A 393 14.17 -4.97 -8.26
C MET A 393 15.57 -5.25 -7.71
N GLY A 394 15.69 -5.15 -6.39
CA GLY A 394 16.98 -5.37 -5.74
C GLY A 394 16.96 -5.08 -4.24
N PRO A 395 18.15 -4.81 -3.66
CA PRO A 395 18.31 -4.45 -2.27
C PRO A 395 17.49 -3.24 -1.87
N ASP A 396 16.48 -3.49 -1.05
CA ASP A 396 15.55 -2.46 -0.57
C ASP A 396 14.76 -1.82 -1.69
N PHE A 397 14.46 -2.65 -2.68
CA PHE A 397 13.60 -2.25 -3.78
C PHE A 397 12.71 -3.45 -4.14
N GLY A 398 11.45 -3.35 -3.77
CA GLY A 398 10.55 -4.46 -3.95
C GLY A 398 9.95 -4.56 -5.34
N TYR A 399 9.29 -5.69 -5.55
CA TYR A 399 8.67 -6.00 -6.79
C TYR A 399 7.23 -6.55 -6.61
N VAL A 400 6.39 -6.31 -7.61
CA VAL A 400 5.04 -6.84 -7.68
C VAL A 400 4.61 -6.69 -9.11
N THR A 401 3.77 -7.62 -9.54
CA THR A 401 3.19 -7.59 -10.87
C THR A 401 1.79 -8.22 -10.81
N ARG A 402 0.92 -7.78 -11.71
CA ARG A 402 -0.42 -8.33 -11.86
C ARG A 402 -0.74 -8.52 -13.34
N GLY A 403 -1.77 -9.31 -13.60
CA GLY A 403 -2.29 -9.47 -14.92
C GLY A 403 -1.68 -10.64 -15.64
N PRO A 404 -2.29 -11.00 -16.78
CA PRO A 404 -1.83 -12.08 -17.61
C PRO A 404 -0.56 -11.66 -18.33
N GLN A 405 0.42 -12.55 -18.35
CA GLN A 405 1.76 -12.20 -18.80
C GLN A 405 2.11 -12.67 -20.23
N THR A 406 1.29 -13.53 -20.85
CA THR A 406 1.62 -14.02 -22.23
C THR A 406 0.75 -13.41 -23.33
N GLY A 407 -0.20 -12.55 -22.95
CA GLY A 407 -1.14 -11.93 -23.88
C GLY A 407 -2.53 -11.89 -23.26
N GLY A 408 -3.22 -10.76 -23.47
CA GLY A 408 -4.55 -10.51 -22.89
C GLY A 408 -4.69 -9.11 -22.32
N ILE A 409 -4.08 -8.14 -23.01
CA ILE A 409 -3.73 -6.80 -22.48
C ILE A 409 -4.27 -5.69 -23.38
N SER A 410 -4.37 -4.46 -22.86
CA SER A 410 -4.72 -3.28 -23.66
C SER A 410 -3.59 -2.30 -23.60
N GLY A 411 -3.70 -1.28 -24.45
CA GLY A 411 -3.01 -0.03 -24.25
C GLY A 411 -3.29 0.60 -22.88
N LEU A 412 -4.49 0.39 -22.33
CA LEU A 412 -4.79 1.07 -21.06
C LEU A 412 -4.18 0.33 -19.87
N ASP A 413 -3.45 -0.77 -20.11
CA ASP A 413 -2.64 -1.40 -19.04
C ASP A 413 -1.24 -0.85 -18.92
N SER A 414 -0.88 0.09 -19.80
CA SER A 414 0.39 0.82 -19.69
C SER A 414 0.25 1.88 -18.61
N PHE A 415 1.32 2.07 -17.85
CA PHE A 415 1.23 2.78 -16.58
C PHE A 415 1.36 4.27 -16.75
N GLY A 416 1.40 4.74 -18.00
CA GLY A 416 1.03 6.10 -18.31
C GLY A 416 -0.45 6.31 -18.07
N ASN A 417 -1.21 5.20 -18.06
CA ASN A 417 -2.62 5.23 -17.68
C ASN A 417 -2.84 5.02 -16.18
N LEU A 418 -1.76 4.99 -15.39
CA LEU A 418 -1.86 4.92 -13.93
C LEU A 418 -1.20 6.12 -13.27
N GLU A 419 -2.01 6.94 -12.60
CA GLU A 419 -1.54 8.16 -11.86
C GLU A 419 -2.20 8.23 -10.47
N VAL A 420 -1.76 9.18 -9.61
CA VAL A 420 -2.43 9.50 -8.28
C VAL A 420 -2.56 11.01 -8.10
N SER A 421 -3.58 11.44 -7.39
CA SER A 421 -3.72 12.82 -7.10
C SER A 421 -2.85 13.16 -5.90
N PRO A 422 -2.58 14.45 -5.71
CA PRO A 422 -2.02 14.84 -4.43
C PRO A 422 -3.05 14.63 -3.31
N PRO A 423 -2.62 14.74 -2.04
CA PRO A 423 -3.59 14.58 -0.93
C PRO A 423 -4.81 15.47 -1.09
N VAL A 424 -5.97 14.98 -0.71
CA VAL A 424 -7.19 15.80 -0.89
C VAL A 424 -8.22 15.42 0.17
N THR A 425 -9.11 16.35 0.49
CA THR A 425 -10.22 16.12 1.36
C THR A 425 -11.44 16.43 0.52
N VAL A 426 -12.45 15.58 0.62
CA VAL A 426 -13.59 15.62 -0.28
C VAL A 426 -14.88 15.57 0.52
N ARG A 427 -15.60 16.67 0.55
CA ARG A 427 -16.85 16.76 1.33
C ARG A 427 -16.62 16.11 2.69
N GLY A 428 -15.53 16.52 3.31
CA GLY A 428 -15.19 16.06 4.62
C GLY A 428 -14.39 14.78 4.72
N LYS A 429 -14.38 13.93 3.69
CA LYS A 429 -13.55 12.72 3.75
C LYS A 429 -12.13 12.98 3.29
N GLU A 430 -11.18 12.65 4.17
CA GLU A 430 -9.77 12.82 3.88
C GLU A 430 -9.19 11.70 3.06
N TYR A 431 -8.36 12.06 2.09
CA TYR A 431 -7.56 11.14 1.34
C TYR A 431 -6.16 11.62 1.46
N PRO A 432 -5.50 11.27 2.58
CA PRO A 432 -4.22 11.96 2.86
C PRO A 432 -3.06 11.42 2.05
N LEU A 433 -3.29 10.35 1.28
CA LEU A 433 -2.28 9.88 0.31
C LEU A 433 -2.77 10.11 -1.10
N GLY A 434 -3.79 10.96 -1.27
CA GLY A 434 -4.40 11.11 -2.62
C GLY A 434 -5.19 9.85 -3.08
N ARG A 435 -5.64 9.88 -4.34
CA ARG A 435 -6.54 8.89 -4.90
C ARG A 435 -5.95 8.46 -6.19
N ILE A 436 -5.78 7.16 -6.37
CA ILE A 436 -5.28 6.65 -7.65
C ILE A 436 -6.31 7.05 -8.73
N LEU A 437 -5.77 7.44 -9.87
CA LEU A 437 -6.52 7.91 -11.03
C LEU A 437 -6.09 6.94 -12.19
N PHE A 438 -7.04 6.30 -12.87
CA PHE A 438 -6.71 5.57 -14.07
C PHE A 438 -7.80 5.64 -15.13
N GLY A 439 -7.38 5.58 -16.38
CA GLY A 439 -8.29 5.72 -17.48
C GLY A 439 -9.08 4.50 -17.90
N ASP A 440 -10.31 4.75 -18.35
CA ASP A 440 -11.28 3.75 -18.76
C ASP A 440 -12.18 4.38 -19.88
N SER A 441 -13.15 3.62 -20.37
CA SER A 441 -14.15 4.14 -21.28
C SER A 441 -15.32 4.62 -20.44
N CYS A 442 -16.37 5.13 -21.09
CA CYS A 442 -17.56 5.61 -20.36
C CYS A 442 -18.54 4.52 -20.10
N TYR A 443 -18.60 3.56 -21.04
CA TYR A 443 -19.33 2.33 -20.89
C TYR A 443 -18.63 1.23 -21.70
N PRO A 444 -18.79 -0.04 -21.30
CA PRO A 444 -18.17 -1.12 -22.07
C PRO A 444 -18.91 -1.45 -23.36
N SER A 445 -18.24 -1.34 -24.52
CA SER A 445 -18.77 -1.82 -25.82
C SER A 445 -17.77 -2.80 -26.46
N ASN A 446 -18.09 -3.30 -27.66
CA ASN A 446 -17.20 -4.23 -28.37
C ASN A 446 -15.88 -3.57 -28.74
N ASP A 447 -15.91 -2.24 -28.84
CA ASP A 447 -14.77 -1.46 -29.27
C ASP A 447 -14.08 -0.69 -28.11
N SER A 448 -14.59 -0.75 -26.89
CA SER A 448 -13.97 0.01 -25.80
C SER A 448 -12.83 -0.77 -25.18
N ARG A 449 -11.86 -0.07 -24.61
CA ARG A 449 -10.78 -0.65 -23.88
C ARG A 449 -10.87 -0.31 -22.37
N GLN A 450 -10.16 -1.12 -21.57
CA GLN A 450 -10.09 -0.96 -20.12
C GLN A 450 -8.75 -1.53 -19.66
N MET A 451 -8.26 -1.04 -18.52
CA MET A 451 -7.16 -1.66 -17.80
C MET A 451 -7.69 -2.98 -17.28
N HIS A 452 -6.79 -3.94 -17.19
CA HIS A 452 -7.18 -5.29 -16.94
C HIS A 452 -7.81 -5.33 -15.57
N GLN A 453 -8.84 -6.15 -15.40
CA GLN A 453 -9.55 -6.17 -14.12
C GLN A 453 -8.66 -6.57 -12.97
N ALA A 454 -7.62 -7.37 -13.23
CA ALA A 454 -6.76 -7.88 -12.17
C ALA A 454 -5.97 -6.70 -11.60
N LEU A 455 -5.62 -5.74 -12.45
CA LEU A 455 -4.90 -4.55 -12.03
C LEU A 455 -5.83 -3.64 -11.22
N GLN A 456 -7.06 -3.45 -11.71
CA GLN A 456 -8.06 -2.57 -11.04
C GLN A 456 -8.36 -3.12 -9.68
N ASP A 457 -8.61 -4.42 -9.63
CA ASP A 457 -8.90 -5.12 -8.39
C ASP A 457 -7.78 -4.97 -7.37
N PHE A 458 -6.53 -5.15 -7.80
CA PHE A 458 -5.37 -4.93 -6.95
C PHE A 458 -5.33 -3.50 -6.40
N LEU A 459 -5.52 -2.53 -7.26
CA LEU A 459 -5.39 -1.16 -6.88
C LEU A 459 -6.47 -0.84 -5.84
N SER A 460 -7.68 -1.33 -6.07
CA SER A 460 -8.77 -1.13 -5.10
C SER A 460 -8.54 -1.80 -3.77
N ALA A 461 -8.00 -3.00 -3.79
CA ALA A 461 -7.74 -3.75 -2.56
C ALA A 461 -6.65 -3.11 -1.69
N GLN A 462 -5.82 -2.24 -2.28
CA GLN A 462 -4.95 -1.34 -1.54
C GLN A 462 -5.92 -0.24 -1.25
N GLN A 463 -6.61 -0.29 -0.17
CA GLN A 463 -7.77 0.61 0.02
C GLN A 463 -7.46 2.15 0.08
N VAL A 464 -6.21 2.43 0.36
CA VAL A 464 -5.74 3.63 1.01
C VAL A 464 -5.63 4.82 -0.01
N GLN A 465 -5.72 4.53 -1.31
CA GLN A 465 -5.83 5.61 -2.33
C GLN A 465 -7.04 5.34 -3.25
N ALA A 466 -8.16 4.95 -2.63
CA ALA A 466 -9.45 4.73 -3.26
C ALA A 466 -9.52 5.14 -4.75
N PRO A 467 -9.18 4.21 -5.66
CA PRO A 467 -9.15 4.60 -7.07
C PRO A 467 -10.38 5.32 -7.62
N VAL A 468 -10.14 6.20 -8.60
CA VAL A 468 -11.18 6.87 -9.42
C VAL A 468 -10.92 6.54 -10.92
N LYS A 469 -11.95 6.03 -11.61
CA LYS A 469 -11.91 5.78 -13.03
C LYS A 469 -12.22 7.08 -13.73
N LEU A 470 -11.33 7.45 -14.64
CA LEU A 470 -11.52 8.58 -15.52
C LEU A 470 -11.72 8.05 -16.94
N TYR A 471 -12.07 8.96 -17.85
CA TYR A 471 -12.41 8.62 -19.25
C TYR A 471 -11.23 8.99 -20.14
N SER A 472 -10.50 7.98 -20.62
CA SER A 472 -9.35 8.19 -21.49
C SER A 472 -9.39 7.43 -22.82
N ASP A 473 -10.44 6.66 -23.06
CA ASP A 473 -10.49 5.79 -24.19
C ASP A 473 -10.75 6.50 -25.52
N TRP A 474 -11.10 7.78 -25.44
CA TRP A 474 -11.23 8.67 -26.62
C TRP A 474 -9.88 9.04 -27.22
N LEU A 475 -8.83 8.73 -26.48
CA LEU A 475 -7.47 9.00 -26.93
C LEU A 475 -6.95 7.77 -27.65
N SER A 476 -6.21 7.96 -28.74
CA SER A 476 -5.62 6.83 -29.48
C SER A 476 -4.85 5.89 -28.55
N VAL A 477 -3.88 6.43 -27.84
CA VAL A 477 -3.08 5.67 -26.89
C VAL A 477 -3.93 5.36 -25.65
N GLY A 478 -4.61 6.38 -25.16
CA GLY A 478 -5.64 6.21 -24.15
C GLY A 478 -5.14 6.34 -22.73
N HIS A 479 -4.23 7.25 -22.45
CA HIS A 479 -3.68 7.39 -21.07
C HIS A 479 -4.07 8.66 -20.40
N VAL A 480 -4.33 8.59 -19.10
CA VAL A 480 -4.74 9.80 -18.39
C VAL A 480 -3.62 10.87 -18.44
N ASP A 481 -2.37 10.48 -18.62
CA ASP A 481 -1.24 11.44 -18.64
C ASP A 481 -1.26 12.25 -19.93
N GLU A 482 -2.00 11.78 -20.94
CA GLU A 482 -2.20 12.58 -22.14
C GLU A 482 -3.04 13.81 -21.97
N PHE A 483 -3.80 13.92 -20.89
CA PHE A 483 -4.63 15.11 -20.70
C PHE A 483 -4.60 15.73 -19.34
N LEU A 484 -3.95 15.07 -18.36
CA LEU A 484 -3.76 15.74 -17.08
C LEU A 484 -2.33 15.68 -16.61
N SER A 485 -1.99 16.62 -15.73
CA SER A 485 -0.78 16.52 -14.86
C SER A 485 -1.08 17.29 -13.56
N PHE A 486 -0.24 17.11 -12.56
CA PHE A 486 -0.36 17.80 -11.29
C PHE A 486 0.98 18.45 -11.05
N VAL A 487 0.98 19.67 -10.53
CA VAL A 487 2.22 20.36 -10.21
C VAL A 487 2.13 20.92 -8.78
N PRO A 488 3.27 21.08 -8.09
CA PRO A 488 3.20 21.77 -6.79
C PRO A 488 2.86 23.27 -6.95
N ALA A 489 2.24 23.86 -5.95
CA ALA A 489 1.96 25.29 -5.92
C ALA A 489 2.11 25.76 -4.48
N PRO A 490 2.50 27.03 -4.29
CA PRO A 490 2.82 27.42 -2.93
C PRO A 490 1.59 27.81 -2.09
N ASP A 491 0.40 27.84 -2.70
CA ASP A 491 -0.78 28.33 -2.02
C ASP A 491 -1.92 27.29 -2.07
N ARG A 492 -3.16 27.77 -1.94
CA ARG A 492 -4.35 26.94 -1.72
C ARG A 492 -4.13 25.53 -1.16
N LYS A 493 -4.11 24.50 -2.02
CA LYS A 493 -4.02 23.12 -1.55
C LYS A 493 -2.63 22.58 -1.82
N GLY A 494 -1.75 23.46 -2.27
CA GLY A 494 -0.37 23.08 -2.49
C GLY A 494 -0.15 22.29 -3.75
N PHE A 495 -1.07 22.43 -4.73
CA PHE A 495 -0.88 21.92 -6.07
C PHE A 495 -1.76 22.66 -7.05
N ARG A 496 -1.48 22.45 -8.33
CA ARG A 496 -2.51 22.63 -9.38
C ARG A 496 -2.68 21.39 -10.26
N LEU A 497 -3.93 21.12 -10.64
CA LEU A 497 -4.29 20.22 -11.72
C LEU A 497 -4.14 21.04 -12.99
N LEU A 498 -3.28 20.56 -13.87
CA LEU A 498 -3.16 21.02 -15.23
C LEU A 498 -4.03 20.12 -16.11
N LEU A 499 -4.80 20.72 -17.02
CA LEU A 499 -5.53 19.96 -18.01
C LEU A 499 -5.23 20.49 -19.39
N ALA A 500 -4.90 19.63 -20.34
CA ALA A 500 -4.93 20.03 -21.79
C ALA A 500 -6.26 20.79 -22.16
N SER A 501 -6.18 21.83 -22.99
CA SER A 501 -7.35 22.72 -23.26
C SER A 501 -7.26 23.29 -24.64
N PRO A 502 -8.04 22.72 -25.58
CA PRO A 502 -8.18 23.37 -26.87
C PRO A 502 -8.75 24.77 -26.77
N ARG A 503 -9.70 24.98 -25.85
CA ARG A 503 -10.29 26.29 -25.61
C ARG A 503 -9.17 27.32 -25.47
N SER A 504 -8.20 27.04 -24.60
CA SER A 504 -7.14 27.99 -24.32
C SER A 504 -6.29 28.26 -25.55
N CYS A 505 -6.11 27.27 -26.41
CA CYS A 505 -5.24 27.44 -27.58
C CYS A 505 -5.95 28.24 -28.67
N TYR A 506 -7.25 28.00 -28.84
CA TYR A 506 -8.05 28.81 -29.76
C TYR A 506 -8.04 30.26 -29.31
N LYS A 507 -8.32 30.49 -28.03
CA LYS A 507 -8.21 31.82 -27.48
C LYS A 507 -6.84 32.45 -27.75
N LEU A 508 -5.77 31.70 -27.48
CA LEU A 508 -4.39 32.20 -27.70
C LEU A 508 -4.11 32.61 -29.15
N PHE A 509 -4.55 31.80 -30.08
CA PHE A 509 -4.33 32.01 -31.50
C PHE A 509 -5.24 33.11 -32.09
N GLN A 510 -6.47 33.16 -31.61
CA GLN A 510 -7.37 34.24 -31.96
C GLN A 510 -6.83 35.58 -31.52
N GLU A 511 -6.31 35.66 -30.29
CA GLU A 511 -5.68 36.91 -29.80
C GLU A 511 -4.47 37.32 -30.64
N GLN A 512 -3.59 36.38 -30.94
CA GLN A 512 -2.47 36.59 -31.88
C GLN A 512 -2.94 37.20 -33.20
N GLN A 513 -3.96 36.61 -33.80
CA GLN A 513 -4.48 37.09 -35.07
C GLN A 513 -5.07 38.49 -34.94
N ASN A 514 -5.83 38.70 -33.87
CA ASN A 514 -6.41 40.00 -33.60
C ASN A 514 -5.34 41.08 -33.48
N GLU A 515 -4.14 40.66 -33.05
CA GLU A 515 -3.00 41.54 -32.87
C GLU A 515 -2.12 41.59 -34.13
N GLY A 516 -2.56 40.91 -35.19
CA GLY A 516 -1.94 41.01 -36.51
C GLY A 516 -1.01 39.91 -36.97
N HIS A 517 -0.97 38.81 -36.22
CA HIS A 517 0.03 37.76 -36.45
C HIS A 517 -0.57 36.51 -37.14
N GLY A 518 -1.61 36.70 -37.96
CA GLY A 518 -2.32 35.58 -38.59
C GLY A 518 -1.47 34.71 -39.50
N GLU A 519 -0.43 35.32 -40.06
CA GLU A 519 0.54 34.59 -40.90
C GLU A 519 1.56 33.84 -40.07
N ALA A 520 1.56 34.02 -38.76
CA ALA A 520 2.47 33.26 -37.93
C ALA A 520 2.30 31.72 -38.16
N LEU A 521 3.43 31.02 -38.22
CA LEU A 521 3.53 29.63 -38.63
C LEU A 521 3.68 28.68 -37.45
N LEU A 522 2.78 27.71 -37.34
CA LEU A 522 2.97 26.61 -36.41
C LEU A 522 3.98 25.68 -37.08
N PHE A 523 4.90 25.15 -36.28
CA PHE A 523 5.94 24.21 -36.74
C PHE A 523 7.17 24.90 -37.35
N GLU A 524 7.36 26.19 -37.06
CA GLU A 524 8.61 26.89 -37.37
C GLU A 524 9.71 26.24 -36.53
N GLY A 525 10.78 25.78 -37.17
CA GLY A 525 11.83 24.98 -36.54
C GLY A 525 12.12 23.69 -37.29
N ILE A 526 11.06 22.91 -37.57
CA ILE A 526 11.21 21.56 -38.17
C ILE A 526 11.40 21.55 -39.69
N LYS A 527 12.47 20.90 -40.15
CA LYS A 527 12.87 20.95 -41.59
C LYS A 527 12.03 20.06 -42.50
N LYS A 528 11.33 19.07 -41.94
CA LYS A 528 10.49 18.19 -42.75
C LYS A 528 9.10 18.00 -42.15
N LYS A 529 8.32 19.08 -42.14
CA LYS A 529 6.91 18.99 -41.77
C LYS A 529 6.13 20.14 -42.41
N LYS A 530 4.89 19.85 -42.83
CA LYS A 530 4.05 20.86 -43.48
C LYS A 530 3.63 21.91 -42.46
N GLN A 531 4.23 23.10 -42.57
CA GLN A 531 3.89 24.23 -41.70
C GLN A 531 2.53 24.84 -42.01
N GLN A 532 1.99 25.54 -41.02
CA GLN A 532 0.61 25.98 -41.05
C GLN A 532 0.46 27.30 -40.36
N LYS A 533 -0.31 28.19 -40.99
CA LYS A 533 -0.50 29.54 -40.49
C LYS A 533 -1.68 29.57 -39.50
N ILE A 534 -1.53 30.37 -38.45
CA ILE A 534 -2.62 30.66 -37.50
C ILE A 534 -3.98 30.90 -38.17
N LYS A 535 -4.00 31.74 -39.22
CA LYS A 535 -5.23 31.99 -40.01
C LYS A 535 -5.92 30.71 -40.50
N ASN A 536 -5.12 29.77 -41.00
CA ASN A 536 -5.64 28.54 -41.61
C ASN A 536 -5.99 27.52 -40.52
N ILE A 537 -5.24 27.54 -39.43
CA ILE A 537 -5.60 26.73 -38.27
C ILE A 537 -6.97 27.14 -37.79
N LEU A 538 -7.15 28.45 -37.54
CA LEU A 538 -8.46 28.94 -37.06
C LEU A 538 -9.60 28.68 -38.06
N SER A 539 -9.34 28.80 -39.35
CA SER A 539 -10.41 28.65 -40.32
C SER A 539 -10.72 27.19 -40.64
N ASN A 540 -9.90 26.25 -40.18
CA ASN A 540 -10.17 24.85 -40.46
C ASN A 540 -11.32 24.38 -39.59
N LYS A 541 -12.46 24.13 -40.22
CA LYS A 541 -13.71 23.85 -39.52
C LYS A 541 -13.79 22.42 -38.97
N THR A 542 -13.06 21.50 -39.58
CA THR A 542 -13.14 20.12 -39.17
C THR A 542 -12.14 19.90 -38.02
N LEU A 543 -11.03 20.63 -38.06
CA LEU A 543 -10.12 20.69 -36.91
C LEU A 543 -10.83 21.23 -35.68
N ARG A 544 -11.60 22.29 -35.86
CA ARG A 544 -12.36 22.88 -34.77
C ARG A 544 -13.45 21.94 -34.23
N GLU A 545 -14.06 21.14 -35.10
CA GLU A 545 -15.06 20.14 -34.69
C GLU A 545 -14.43 19.02 -33.87
N HIS A 546 -13.34 18.46 -34.38
CA HIS A 546 -12.49 17.55 -33.62
C HIS A 546 -12.18 18.13 -32.23
N ASN A 547 -11.55 19.28 -32.20
CA ASN A 547 -11.27 19.88 -30.90
C ASN A 547 -12.52 20.24 -30.05
N SER A 548 -13.69 20.42 -30.64
CA SER A 548 -14.89 20.54 -29.81
C SER A 548 -15.20 19.22 -29.12
N PHE A 549 -15.00 18.12 -29.83
CA PHE A 549 -15.26 16.81 -29.28
C PHE A 549 -14.25 16.46 -28.19
N VAL A 550 -12.97 16.79 -28.42
CA VAL A 550 -11.93 16.56 -27.42
C VAL A 550 -12.20 17.37 -26.16
N GLU A 551 -12.52 18.64 -26.34
CA GLU A 551 -12.89 19.51 -25.23
C GLU A 551 -13.98 18.89 -24.34
N ARG A 552 -14.99 18.31 -24.96
CA ARG A 552 -16.07 17.63 -24.27
C ARG A 552 -15.61 16.46 -23.42
N CYS A 553 -14.68 15.70 -23.97
CA CYS A 553 -14.11 14.53 -23.31
C CYS A 553 -13.27 15.00 -22.16
N ILE A 554 -12.53 16.09 -22.35
CA ILE A 554 -11.73 16.62 -21.28
C ILE A 554 -12.64 17.25 -20.23
N ASP A 555 -13.63 18.04 -20.66
CA ASP A 555 -14.62 18.61 -19.72
C ASP A 555 -15.32 17.59 -18.84
N TRP A 556 -15.64 16.44 -19.40
CA TRP A 556 -16.31 15.36 -18.66
C TRP A 556 -15.43 14.95 -17.47
N ASN A 557 -14.14 14.67 -17.72
CA ASN A 557 -13.14 14.39 -16.68
C ASN A 557 -12.86 15.51 -15.71
N ARG A 558 -12.77 16.75 -16.22
CA ARG A 558 -12.66 17.91 -15.36
C ARG A 558 -13.66 17.80 -14.24
N GLU A 559 -14.90 17.50 -14.61
CA GLU A 559 -16.03 17.53 -13.68
C GLU A 559 -16.04 16.31 -12.77
N LEU A 560 -15.56 15.19 -13.31
CA LEU A 560 -15.33 13.99 -12.58
C LEU A 560 -14.29 14.28 -11.49
N LEU A 561 -13.13 14.79 -11.88
CA LEU A 561 -12.10 15.19 -10.92
C LEU A 561 -12.61 16.22 -9.91
N LYS A 562 -13.38 17.19 -10.37
CA LYS A 562 -14.00 18.09 -9.42
C LYS A 562 -14.82 17.38 -8.33
N ARG A 563 -15.68 16.45 -8.72
CA ARG A 563 -16.52 15.72 -7.78
C ARG A 563 -15.69 14.80 -6.88
N GLU A 564 -14.92 13.92 -7.48
CA GLU A 564 -14.18 12.87 -6.77
C GLU A 564 -12.93 13.31 -6.00
N LEU A 565 -12.39 14.48 -6.34
CA LEU A 565 -11.17 14.99 -5.75
C LEU A 565 -11.40 16.27 -4.94
N GLY A 566 -12.61 16.83 -5.01
CA GLY A 566 -12.96 18.07 -4.28
C GLY A 566 -12.40 19.40 -4.80
N LEU A 567 -12.26 19.51 -6.11
CA LEU A 567 -11.56 20.63 -6.68
C LEU A 567 -12.56 21.71 -6.99
N ALA A 568 -12.10 22.97 -6.81
CA ALA A 568 -12.71 24.17 -7.33
C ALA A 568 -11.93 24.56 -8.60
N GLU A 569 -12.53 25.35 -9.48
CA GLU A 569 -11.80 25.88 -10.65
C GLU A 569 -10.46 26.51 -10.29
N SER A 570 -10.38 27.13 -9.13
CA SER A 570 -9.16 27.79 -8.68
C SER A 570 -8.05 26.78 -8.36
N ASP A 571 -8.41 25.51 -8.37
CA ASP A 571 -7.42 24.47 -8.36
C ASP A 571 -6.84 24.13 -9.71
N ILE A 572 -7.47 24.60 -10.80
CA ILE A 572 -7.20 24.06 -12.17
C ILE A 572 -6.56 25.08 -13.13
N ILE A 573 -5.48 24.68 -13.82
CA ILE A 573 -4.91 25.46 -14.93
C ILE A 573 -5.05 24.74 -16.29
N ASP A 574 -5.68 25.41 -17.25
CA ASP A 574 -5.76 24.93 -18.63
C ASP A 574 -4.47 25.27 -19.40
N ILE A 575 -3.97 24.29 -20.12
CA ILE A 575 -2.75 24.38 -20.89
C ILE A 575 -3.18 24.37 -22.36
N PRO A 576 -2.80 25.42 -23.14
CA PRO A 576 -3.23 25.45 -24.53
C PRO A 576 -2.81 24.20 -25.26
N GLN A 577 -3.75 23.47 -25.83
CA GLN A 577 -3.41 22.22 -26.50
C GLN A 577 -4.44 21.85 -27.53
N LEU A 578 -3.97 21.70 -28.75
CA LEU A 578 -4.80 21.21 -29.85
C LEU A 578 -4.59 19.70 -30.05
N PHE A 579 -5.64 19.05 -30.54
CA PHE A 579 -5.64 17.65 -30.87
C PHE A 579 -6.19 17.46 -32.27
N LYS A 580 -6.04 16.26 -32.79
CA LYS A 580 -6.70 15.86 -34.03
C LYS A 580 -7.23 14.43 -33.89
N LEU A 581 -8.35 14.13 -34.52
CA LEU A 581 -8.83 12.74 -34.60
C LEU A 581 -8.26 12.05 -35.82
N LYS A 582 -7.91 10.78 -35.66
CA LYS A 582 -7.19 9.99 -36.67
C LYS A 582 -7.33 8.53 -36.29
N GLU A 583 -7.91 7.74 -37.16
CA GLU A 583 -7.90 6.29 -36.98
C GLU A 583 -8.82 5.91 -35.83
N PHE A 584 -10.04 5.51 -36.21
CA PHE A 584 -11.11 5.16 -35.29
C PHE A 584 -11.63 6.38 -34.55
N SER A 585 -11.37 7.58 -35.08
CA SER A 585 -11.82 8.83 -34.49
C SER A 585 -11.21 9.06 -33.09
N LYS A 586 -10.03 8.48 -32.90
CA LYS A 586 -9.29 8.55 -31.66
C LYS A 586 -8.33 9.71 -31.75
N ALA A 587 -8.12 10.37 -30.62
CA ALA A 587 -7.46 11.66 -30.51
C ALA A 587 -6.01 11.45 -30.27
N GLU A 588 -5.22 12.19 -31.06
CA GLU A 588 -3.81 12.37 -30.85
C GLU A 588 -3.57 13.88 -30.78
N ALA A 589 -2.39 14.24 -30.32
CA ALA A 589 -1.97 15.60 -30.14
C ALA A 589 -1.54 16.22 -31.50
N PHE A 590 -1.98 17.46 -31.74
CA PHE A 590 -1.75 18.17 -32.99
C PHE A 590 -0.33 18.70 -33.02
N PHE A 591 0.10 19.26 -31.90
CA PHE A 591 1.50 19.55 -31.63
C PHE A 591 1.94 18.86 -30.33
N PRO A 592 3.25 18.73 -30.11
CA PRO A 592 3.70 18.06 -28.88
C PRO A 592 2.90 18.44 -27.64
N ASN A 593 2.34 17.39 -27.00
CA ASN A 593 1.39 17.44 -25.89
C ASN A 593 2.01 17.96 -24.61
N MET A 594 1.89 19.27 -24.38
CA MET A 594 2.64 19.93 -23.30
C MET A 594 2.25 19.51 -21.87
N VAL A 595 1.02 19.03 -21.68
CA VAL A 595 0.61 18.59 -20.33
C VAL A 595 1.35 17.33 -19.90
N ASN A 596 1.88 16.61 -20.90
CA ASN A 596 2.57 15.35 -20.70
C ASN A 596 4.04 15.66 -20.40
N MET A 597 4.23 16.25 -19.22
CA MET A 597 5.49 16.80 -18.76
C MET A 597 6.10 16.05 -17.56
N LEU A 598 7.40 16.20 -17.42
CA LEU A 598 8.16 15.66 -16.29
C LEU A 598 8.24 16.67 -15.13
N VAL A 599 7.64 16.33 -14.00
CA VAL A 599 7.58 17.23 -12.88
C VAL A 599 8.64 16.84 -11.86
N LEU A 600 9.67 17.67 -11.78
CA LEU A 600 10.77 17.43 -10.83
C LEU A 600 10.84 18.57 -9.85
N GLY A 601 9.95 18.54 -8.87
CA GLY A 601 9.79 19.61 -7.91
C GLY A 601 9.22 20.76 -8.68
N LYS A 602 9.91 21.88 -8.59
CA LYS A 602 9.57 23.10 -9.26
C LYS A 602 10.19 23.19 -10.66
N HIS A 603 10.94 22.17 -11.06
CA HIS A 603 11.57 22.09 -12.38
C HIS A 603 10.75 21.22 -13.32
N LEU A 604 10.26 21.83 -14.40
CA LEU A 604 9.35 21.14 -15.34
C LEU A 604 10.02 20.79 -16.67
N GLY A 605 9.87 19.55 -17.13
CA GLY A 605 10.31 19.13 -18.46
C GLY A 605 9.13 19.05 -19.40
N ILE A 606 8.93 20.10 -20.18
CA ILE A 606 7.72 20.29 -20.97
C ILE A 606 8.07 20.07 -22.44
N PRO A 607 7.29 19.25 -23.13
CA PRO A 607 7.51 19.11 -24.57
C PRO A 607 7.48 20.44 -25.33
N LYS A 608 8.47 20.66 -26.17
CA LYS A 608 8.55 21.87 -26.97
C LYS A 608 7.48 21.83 -28.08
N PRO A 609 6.51 22.75 -28.01
CA PRO A 609 5.41 22.69 -28.95
C PRO A 609 5.80 23.13 -30.39
N PHE A 610 6.84 23.96 -30.49
CA PHE A 610 7.19 24.60 -31.75
C PHE A 610 6.01 25.41 -32.28
N GLY A 611 5.54 26.34 -31.47
CA GLY A 611 4.39 27.16 -31.81
C GLY A 611 4.76 28.39 -32.63
N PRO A 612 3.76 29.17 -33.06
CA PRO A 612 4.03 30.47 -33.75
C PRO A 612 4.96 31.39 -32.98
N VAL A 613 6.02 31.86 -33.64
CA VAL A 613 7.02 32.71 -33.02
C VAL A 613 6.60 34.18 -33.19
N ILE A 614 6.20 34.79 -32.09
CA ILE A 614 5.77 36.16 -32.07
C ILE A 614 6.75 36.90 -31.20
N ASN A 615 7.27 38.02 -31.70
CA ASN A 615 8.29 38.74 -30.98
C ASN A 615 9.39 37.82 -30.47
N GLY A 616 9.92 36.97 -31.33
CA GLY A 616 11.08 36.15 -30.98
C GLY A 616 10.81 34.96 -30.07
N ARG A 617 9.55 34.73 -29.71
CA ARG A 617 9.24 33.57 -28.88
C ARG A 617 8.01 32.84 -29.32
N CYS A 618 8.05 31.51 -29.24
CA CYS A 618 6.87 30.66 -29.33
C CYS A 618 5.82 31.12 -28.33
N CYS A 619 4.64 31.49 -28.81
CA CYS A 619 3.60 32.03 -27.96
C CYS A 619 2.96 30.97 -27.08
N LEU A 620 3.01 29.70 -27.52
CA LEU A 620 2.59 28.60 -26.68
C LEU A 620 3.49 28.56 -25.48
N GLU A 621 4.80 28.56 -25.70
CA GLU A 621 5.75 28.52 -24.60
C GLU A 621 5.52 29.72 -23.70
N GLU A 622 5.34 30.91 -24.28
CA GLU A 622 5.08 32.08 -23.46
C GLU A 622 3.81 31.95 -22.62
N LYS A 623 2.73 31.42 -23.22
CA LYS A 623 1.47 31.24 -22.48
C LYS A 623 1.67 30.29 -21.31
N VAL A 624 2.34 29.17 -21.57
CA VAL A 624 2.58 28.20 -20.51
C VAL A 624 3.37 28.81 -19.36
N CYS A 625 4.41 29.56 -19.72
CA CYS A 625 5.28 30.24 -18.75
C CYS A 625 4.49 31.27 -17.94
N SER A 626 3.62 32.02 -18.60
CA SER A 626 2.75 32.98 -17.92
C SER A 626 1.78 32.33 -16.95
N LEU A 627 1.50 31.05 -17.14
CA LEU A 627 0.55 30.33 -16.29
C LEU A 627 1.25 29.68 -15.12
N LEU A 628 2.46 29.15 -15.35
CA LEU A 628 3.13 28.33 -14.33
C LEU A 628 4.24 29.07 -13.54
N GLU A 629 4.84 30.09 -14.12
CA GLU A 629 5.88 30.86 -13.42
C GLU A 629 5.37 31.57 -12.15
N PRO A 630 4.17 32.18 -12.21
CA PRO A 630 3.56 32.76 -10.98
C PRO A 630 3.43 31.79 -9.79
N LEU A 631 3.42 30.49 -10.06
CA LEU A 631 3.47 29.47 -9.01
C LEU A 631 4.91 29.13 -8.60
N GLY A 632 5.88 29.71 -9.29
CA GLY A 632 7.29 29.51 -8.96
C GLY A 632 7.82 28.24 -9.56
N LEU A 633 7.28 27.87 -10.72
CA LEU A 633 7.73 26.72 -11.45
C LEU A 633 8.66 27.19 -12.57
N GLN A 634 9.64 26.35 -12.90
CA GLN A 634 10.62 26.60 -13.95
C GLN A 634 10.35 25.68 -15.13
N CYS A 635 10.07 26.27 -16.29
CA CYS A 635 9.73 25.52 -17.52
C CYS A 635 10.90 25.42 -18.49
N THR A 636 11.33 24.20 -18.76
CA THR A 636 12.27 23.91 -19.83
C THR A 636 11.50 23.17 -20.89
N PHE A 637 11.62 23.62 -22.12
CA PHE A 637 10.96 23.01 -23.23
C PHE A 637 11.94 22.10 -23.94
N ILE A 638 11.58 20.82 -24.01
CA ILE A 638 12.46 19.80 -24.56
C ILE A 638 11.95 19.33 -25.93
N ASN A 639 12.84 19.31 -26.92
CA ASN A 639 12.53 18.82 -28.26
C ASN A 639 12.41 17.31 -28.15
N ASP A 640 11.18 16.84 -28.30
CA ASP A 640 10.91 15.41 -28.26
C ASP A 640 10.28 15.01 -29.59
N PHE A 641 10.46 15.87 -30.60
CA PHE A 641 9.57 15.86 -31.77
C PHE A 641 9.76 14.66 -32.68
N PHE A 642 11.00 14.46 -33.12
CA PHE A 642 11.35 13.40 -34.04
C PHE A 642 11.95 12.20 -33.34
N THR A 643 11.44 11.92 -32.15
CA THR A 643 11.81 10.73 -31.40
C THR A 643 10.64 10.22 -30.55
N TYR A 644 9.92 11.13 -29.89
CA TYR A 644 8.78 10.75 -29.08
C TYR A 644 7.49 11.13 -29.77
N HIS A 645 7.34 12.43 -30.09
CA HIS A 645 6.08 12.97 -30.53
C HIS A 645 5.52 12.19 -31.72
N ILE A 646 6.37 11.93 -32.70
CA ILE A 646 5.96 11.23 -33.95
C ILE A 646 5.62 9.76 -33.76
N ARG A 647 6.05 9.18 -32.63
CA ARG A 647 5.58 7.85 -32.21
C ARG A 647 4.53 7.90 -31.09
N HIS A 648 3.78 9.01 -31.06
CA HIS A 648 2.52 9.12 -30.29
C HIS A 648 2.72 9.30 -28.78
N GLY A 649 3.83 9.90 -28.37
CA GLY A 649 4.08 10.17 -26.95
C GLY A 649 5.05 11.31 -26.75
N GLU A 650 5.30 11.66 -25.51
CA GLU A 650 5.99 12.91 -25.16
C GLU A 650 7.00 12.59 -24.04
N VAL A 651 7.42 13.62 -23.30
CA VAL A 651 8.47 13.54 -22.26
C VAL A 651 8.07 12.69 -21.06
N HIS A 652 6.86 12.88 -20.54
CA HIS A 652 6.35 12.04 -19.45
C HIS A 652 6.35 10.59 -19.90
N CYS A 653 5.83 10.34 -21.09
CA CYS A 653 5.80 8.97 -21.64
C CYS A 653 7.19 8.31 -21.76
N GLY A 654 8.22 9.12 -22.02
CA GLY A 654 9.60 8.62 -22.12
C GLY A 654 10.38 8.50 -20.80
N THR A 655 9.76 8.93 -19.69
CA THR A 655 10.45 8.97 -18.39
C THR A 655 9.65 8.35 -17.22
N ASN A 656 10.34 8.11 -16.10
CA ASN A 656 9.68 7.68 -14.86
C ASN A 656 10.45 8.23 -13.64
N VAL A 657 9.75 8.33 -12.50
CA VAL A 657 10.31 8.99 -11.31
C VAL A 657 9.96 8.22 -10.02
N ARG A 658 10.97 7.96 -9.20
CA ARG A 658 10.76 7.53 -7.85
C ARG A 658 10.75 8.79 -6.98
N ARG A 659 9.75 8.87 -6.11
CA ARG A 659 9.53 10.06 -5.33
C ARG A 659 9.43 9.66 -3.89
N LYS A 660 9.50 10.67 -3.03
CA LYS A 660 9.53 10.44 -1.59
C LYS A 660 8.17 9.96 -1.08
N PRO A 661 8.15 8.87 -0.30
CA PRO A 661 6.89 8.36 0.29
C PRO A 661 6.26 9.36 1.21
N PHE A 662 4.96 9.30 1.39
CA PHE A 662 4.30 10.27 2.28
C PHE A 662 4.78 10.07 3.73
N SER A 663 4.88 11.16 4.48
CA SER A 663 5.17 11.05 5.88
C SER A 663 3.96 10.61 6.64
N PHE A 664 2.78 10.90 6.15
CA PHE A 664 1.57 10.44 6.84
C PHE A 664 1.53 8.92 6.76
N LYS A 665 1.21 8.25 7.86
CA LYS A 665 1.27 6.79 7.95
C LYS A 665 -0.04 6.18 7.51
N TRP A 666 0.01 5.29 6.52
CA TRP A 666 -1.21 4.86 5.84
C TRP A 666 -2.24 4.25 6.83
N TRP A 667 -1.74 3.63 7.89
CA TRP A 667 -2.59 2.95 8.87
C TRP A 667 -3.35 3.91 9.75
N ASN A 668 -2.90 5.17 9.80
CA ASN A 668 -3.63 6.27 10.49
C ASN A 668 -4.76 6.89 9.67
N MET A 669 -4.97 6.37 8.48
CA MET A 669 -6.14 6.72 7.70
C MET A 669 -7.29 5.85 8.24
N VAL A 670 -8.53 6.31 8.07
CA VAL A 670 -9.69 5.43 8.20
C VAL A 670 -10.40 5.34 6.84
N PRO A 671 -9.99 4.36 5.97
CA PRO A 671 -10.53 4.24 4.61
C PRO A 671 -12.05 4.08 4.56
CA CA B . 2.25 6.57 -14.37
CA CA C . 14.09 -8.68 2.11
CA CA D . 15.48 -5.13 2.67
CA CA E . 6.06 -6.17 -17.30
CA CA F . 13.81 -15.84 2.34
S SO4 G . -4.65 -1.37 -27.68
O1 SO4 G . -3.26 -1.83 -27.64
O2 SO4 G . -5.37 -1.92 -28.84
O3 SO4 G . -5.36 -1.81 -26.47
O4 SO4 G . -4.63 0.08 -27.75
S SO4 H . -6.80 31.13 -20.37
O1 SO4 H . -6.10 32.27 -19.78
O2 SO4 H . -6.92 31.28 -21.81
O3 SO4 H . -6.06 29.89 -20.05
O4 SO4 H . -8.14 31.05 -19.79
S SO4 I . -2.32 30.90 -47.66
O1 SO4 I . -2.54 31.03 -49.10
O2 SO4 I . -3.62 30.69 -46.99
O3 SO4 I . -1.43 29.76 -47.42
O4 SO4 I . -1.65 32.11 -47.15
OAE BFB J . 2.32 2.62 -26.45
CAU BFB J . 2.31 3.28 -27.46
NAA BFB J . 1.26 3.35 -28.28
CAZ BFB J . 3.56 4.04 -27.78
CAO BFB J . 3.40 5.51 -27.39
CAM BFB J . 2.48 5.83 -26.23
CAN BFB J . 3.04 5.60 -24.83
NAR BFB J . 2.77 6.89 -24.21
CAV BFB J . 2.48 7.50 -23.05
CAP BFB J . 2.35 8.94 -23.43
NAC BFB J . 2.40 7.04 -21.80
NAS BFB J . 3.93 4.02 -29.22
CAW BFB J . 4.07 2.92 -29.95
OAF BFB J . 3.90 1.80 -29.48
CAX BFB J . 4.44 3.05 -31.41
CAK BFB J . 4.37 4.28 -32.08
CAL BFB J . 4.88 1.93 -32.14
CAJ BFB J . 5.22 2.05 -33.49
CAH BFB J . 5.13 3.29 -34.13
CAI BFB J . 4.71 4.41 -33.43
#